data_2IUC
#
_entry.id   2IUC
#
_cell.length_a   70.043
_cell.length_b   173.184
_cell.length_c   55.340
_cell.angle_alpha   90.00
_cell.angle_beta   90.00
_cell.angle_gamma   90.00
#
_symmetry.space_group_name_H-M   'P 21 21 2'
#
loop_
_entity.id
_entity.type
_entity.pdbx_description
1 polymer 'ALKALINE PHOSPHATASE'
2 polymer 'ALKALINE PHOSPHATASE'
3 non-polymer 'ZINC ION'
4 non-polymer 'MAGNESIUM ION'
5 non-polymer 'PHOSPHATE ION'
6 non-polymer 'CACODYLATE ION'
7 water water
#
loop_
_entity_poly.entity_id
_entity_poly.type
_entity_poly.pdbx_seq_one_letter_code
_entity_poly.pdbx_strand_id
1 'polypeptide(L)'
;MKLKKIVFTLIALGLFSCKTTSVLVKNEPQLKTPKNVILLISDGAGLSQISSTFYFKEGTPNYTQFKNIGLIKTSSSRED
VTDSASGATAFSCGIKTYNAAIGVADDSTAVKSIVEIAALNNIKTGVVATSSITHATPASFYAHALNRGLEEEIAMDMTE
SDLDFFAGGGLNYFTSRKDKKDVLAILKGNQFTINTTGLTDFSSIASNRKMGFLLADEAMPTMESGRGNFLSAATDLAIQ
FLSKDNSAFFIMSEGSQIDWGGHANNASYLISEINDFDDAIGTALAFAKKDGNTLVIVTSDHETGGFTLAAKKNKREDGS
EYSDYTSIGPSFSTGGHSATLIPVFAYGPGSEEFIGIYENNEIFHKILKVTKWNQ
;
A
2 'polypeptide(L)'
;MKLKKIVFTLIALGLFSCKTTSVLVKNEPQLKTPKNVILLISDGAGLSQISSTFYFKSGTPNYTQFKNIGLIKTSSSRED
VTDSASGATAFSCGIKTYNAAIGVADDSTAVKSIVEIAALNSIKTGVVATSSITHATPASFYAHALNRGLEEEIAMDMTE
SDLDFFAGGGLNYFTSRSDSKDVLAILKGNQFTINTTGLTDFSSIASNRKMGFLLADEAMPTMEKGRGNFLSAATDLAIQ
FLSKDNSAFFIMSEGSQIDWGGHANNASYLISEINDFDDAIGTALAFAKSDGNTLVIVTSDHETGGFTLAAKSNKREDGS
EYSDYTEIGPTFSTGGHSATLIPVFAYGPGSEEFIGIYENNEIFHKILKVTKWNQ
;
B
#
loop_
_chem_comp.id
_chem_comp.type
_chem_comp.name
_chem_comp.formula
CAC non-polymer 'CACODYLATE ION' 'C2 H6 As O2 -1'
MG non-polymer 'MAGNESIUM ION' 'Mg 2'
PO4 non-polymer 'PHOSPHATE ION' 'O4 P -3'
ZN non-polymer 'ZINC ION' 'Zn 2'
#
# COMPACT_ATOMS: atom_id res chain seq x y z
N LYS A 32 6.48 -25.48 -0.44
CA LYS A 32 5.23 -24.73 0.00
C LYS A 32 4.95 -24.74 1.52
N THR A 33 5.65 -25.63 2.26
CA THR A 33 5.48 -25.79 3.74
C THR A 33 6.75 -25.26 4.39
N PRO A 34 6.68 -24.07 5.01
CA PRO A 34 7.92 -23.59 5.72
C PRO A 34 8.11 -24.34 7.04
N LYS A 35 9.35 -24.63 7.37
CA LYS A 35 9.66 -25.15 8.73
C LYS A 35 9.66 -24.04 9.80
N ASN A 36 10.19 -22.86 9.44
CA ASN A 36 10.43 -21.75 10.36
C ASN A 36 9.64 -20.54 9.91
N VAL A 37 9.26 -19.69 10.86
CA VAL A 37 8.55 -18.45 10.54
C VAL A 37 9.18 -17.26 11.28
N ILE A 38 9.50 -16.22 10.54
CA ILE A 38 9.91 -14.96 11.20
C ILE A 38 8.87 -13.92 10.86
N LEU A 39 8.21 -13.38 11.88
CA LEU A 39 7.28 -12.28 11.72
C LEU A 39 7.93 -10.96 12.24
N LEU A 40 8.08 -9.96 11.32
CA LEU A 40 8.65 -8.62 11.61
C LEU A 40 7.48 -7.61 11.56
N ILE A 41 7.30 -6.88 12.65
CA ILE A 41 6.16 -5.96 12.77
C ILE A 41 6.77 -4.62 12.95
N SER A 42 6.44 -3.69 12.04
CA SER A 42 6.88 -2.32 12.15
C SER A 42 5.64 -1.61 12.76
N ASP A 43 5.75 -1.26 14.03
CA ASP A 43 4.65 -0.60 14.68
C ASP A 43 4.37 0.75 14.13
N GLY A 44 3.14 0.96 13.63
CA GLY A 44 2.77 2.29 13.16
C GLY A 44 3.21 2.69 11.76
N ALA A 45 3.66 1.72 10.92
CA ALA A 45 4.17 2.06 9.61
C ALA A 45 3.08 1.77 8.56
N GLY A 46 2.48 2.78 7.95
CA GLY A 46 1.71 2.58 6.74
C GLY A 46 2.73 2.60 5.57
N LEU A 47 2.14 2.45 4.39
CA LEU A 47 2.88 2.55 3.08
C LEU A 47 3.69 3.83 2.91
N SER A 48 3.19 4.97 3.44
CA SER A 48 3.96 6.20 3.36
C SER A 48 5.24 6.13 4.17
N GLN A 49 5.18 5.50 5.35
CA GLN A 49 6.37 5.36 6.24
C GLN A 49 7.37 4.36 5.53
N ILE A 50 6.83 3.27 5.05
CA ILE A 50 7.61 2.33 4.19
C ILE A 50 8.34 3.09 3.07
N SER A 51 7.59 3.91 2.32
CA SER A 51 8.10 4.75 1.19
C SER A 51 9.32 5.66 1.59
N SER A 52 9.35 6.19 2.82
CA SER A 52 10.50 6.98 3.23
C SER A 52 11.83 6.24 3.01
N THR A 53 11.85 4.92 3.16
CA THR A 53 13.11 4.17 2.95
C THR A 53 13.61 4.24 1.48
N PHE A 54 12.71 4.53 0.52
CA PHE A 54 13.07 4.68 -0.89
C PHE A 54 13.66 6.07 -1.16
N TYR A 55 13.48 7.03 -0.24
CA TYR A 55 14.06 8.40 -0.38
C TYR A 55 15.13 8.79 0.69
N PHE A 56 15.08 8.16 1.84
CA PHE A 56 15.94 8.63 2.96
C PHE A 56 16.93 7.58 3.46
N LYS A 57 17.15 6.51 2.72
CA LYS A 57 18.04 5.47 3.21
C LYS A 57 19.07 5.26 2.14
N GLU A 58 20.33 5.07 2.52
CA GLU A 58 21.39 4.81 1.55
C GLU A 58 21.17 3.42 0.94
N GLY A 59 21.18 3.30 -0.39
CA GLY A 59 21.08 1.99 -1.01
C GLY A 59 19.63 1.61 -1.29
N THR A 60 19.39 0.41 -1.78
CA THR A 60 18.05 -0.04 -2.09
C THR A 60 17.44 -0.61 -0.80
N PRO A 61 16.18 -0.21 -0.47
CA PRO A 61 15.54 -0.82 0.72
C PRO A 61 15.42 -2.39 0.56
N ASN A 62 15.61 -3.15 1.64
CA ASN A 62 15.28 -4.56 1.61
C ASN A 62 13.81 -4.90 1.24
N TYR A 63 12.86 -3.96 1.48
CA TYR A 63 11.50 -4.19 0.93
C TYR A 63 11.45 -4.61 -0.52
N THR A 64 12.38 -4.16 -1.35
CA THR A 64 12.35 -4.47 -2.81
C THR A 64 12.58 -5.95 -3.11
N GLN A 65 13.03 -6.72 -2.12
CA GLN A 65 13.23 -8.19 -2.25
C GLN A 65 11.94 -8.98 -2.32
N PHE A 66 10.79 -8.39 -1.90
CA PHE A 66 9.57 -9.15 -1.84
C PHE A 66 8.83 -9.10 -3.15
N LYS A 67 8.20 -10.21 -3.52
CA LYS A 67 7.31 -10.21 -4.67
C LYS A 67 5.84 -10.36 -4.17
N ASN A 68 5.59 -11.25 -3.19
CA ASN A 68 4.20 -11.51 -2.76
C ASN A 68 3.82 -10.43 -1.77
N ILE A 69 2.75 -9.71 -2.06
CA ILE A 69 2.30 -8.54 -1.26
C ILE A 69 0.81 -8.66 -1.08
N GLY A 70 0.35 -8.36 0.14
CA GLY A 70 -1.09 -8.33 0.39
C GLY A 70 -1.42 -7.11 1.18
N LEU A 71 -2.66 -7.02 1.61
CA LEU A 71 -3.12 -5.82 2.33
C LEU A 71 -4.07 -6.28 3.43
N ILE A 72 -3.89 -5.69 4.64
CA ILE A 72 -4.82 -6.02 5.74
C ILE A 72 -5.67 -4.87 6.23
N LYS A 73 -6.93 -5.16 6.60
CA LYS A 73 -7.81 -4.22 7.32
C LYS A 73 -7.60 -4.40 8.84
N THR A 74 -7.32 -3.30 9.53
CA THR A 74 -6.74 -3.33 10.87
C THR A 74 -7.75 -2.95 12.01
N SER A 75 -9.00 -2.60 11.67
CA SER A 75 -10.02 -2.34 12.75
C SER A 75 -10.09 -3.47 13.83
N SER A 76 -10.42 -3.07 15.06
CA SER A 76 -10.56 -3.98 16.15
C SER A 76 -12.07 -4.43 16.18
N SER A 77 -12.47 -5.18 17.20
CA SER A 77 -13.83 -5.70 17.33
C SER A 77 -14.83 -4.57 17.64
N ARG A 78 -14.34 -3.42 18.11
CA ARG A 78 -15.22 -2.34 18.61
C ARG A 78 -14.89 -0.95 18.03
N GLU A 79 -13.70 -0.80 17.39
CA GLU A 79 -13.18 0.54 17.04
C GLU A 79 -12.69 0.49 15.59
N ASP A 80 -13.03 1.54 14.81
CA ASP A 80 -12.49 1.66 13.46
C ASP A 80 -10.98 1.86 13.46
N VAL A 81 -10.52 2.64 14.39
CA VAL A 81 -9.05 2.78 14.59
C VAL A 81 -8.54 1.87 15.73
N THR A 82 -7.60 0.98 15.35
CA THR A 82 -7.10 0.02 16.30
C THR A 82 -5.97 0.67 17.14
N ASP A 83 -5.68 0.09 18.29
CA ASP A 83 -4.38 0.38 18.96
C ASP A 83 -3.45 -0.82 18.76
N SER A 84 -2.26 -0.74 19.34
CA SER A 84 -1.29 -1.83 19.13
C SER A 84 -1.69 -3.14 19.79
N ALA A 85 -2.45 -3.02 20.89
CA ALA A 85 -2.82 -4.20 21.69
C ALA A 85 -3.76 -5.11 20.87
N SER A 86 -4.87 -4.54 20.37
CA SER A 86 -5.80 -5.40 19.63
C SER A 86 -5.17 -5.77 18.26
N GLY A 87 -4.38 -4.86 17.71
CA GLY A 87 -3.62 -5.04 16.46
C GLY A 87 -2.71 -6.24 16.52
N ALA A 88 -1.91 -6.36 17.58
CA ALA A 88 -1.00 -7.45 17.67
C ALA A 88 -1.72 -8.75 18.09
N THR A 89 -2.74 -8.64 18.97
CA THR A 89 -3.49 -9.81 19.38
C THR A 89 -4.22 -10.38 18.16
N ALA A 90 -4.63 -9.55 17.20
CA ALA A 90 -5.18 -10.11 15.93
C ALA A 90 -4.11 -11.05 15.23
N PHE A 91 -2.85 -10.65 15.25
CA PHE A 91 -1.78 -11.50 14.66
C PHE A 91 -1.40 -12.67 15.52
N SER A 92 -1.24 -12.45 16.83
CA SER A 92 -0.76 -13.52 17.74
C SER A 92 -1.81 -14.59 18.03
N CYS A 93 -3.09 -14.22 17.97
CA CYS A 93 -4.24 -15.08 18.44
C CYS A 93 -5.34 -15.24 17.41
N GLY A 94 -5.36 -14.45 16.32
CA GLY A 94 -6.24 -14.73 15.13
C GLY A 94 -7.70 -14.36 15.35
N ILE A 95 -7.90 -13.47 16.32
CA ILE A 95 -9.24 -12.93 16.62
C ILE A 95 -9.25 -11.40 16.59
N LYS A 96 -10.39 -10.81 16.30
CA LYS A 96 -10.63 -9.38 16.52
C LYS A 96 -10.96 -9.13 17.99
N THR A 97 -10.31 -8.18 18.67
CA THR A 97 -10.65 -7.93 20.10
C THR A 97 -10.70 -6.43 20.38
N TYR A 98 -10.99 -6.00 21.62
CA TYR A 98 -11.16 -4.60 21.85
C TYR A 98 -9.76 -3.92 22.05
N ASN A 99 -9.65 -2.66 21.66
CA ASN A 99 -8.44 -1.86 21.90
C ASN A 99 -8.08 -1.96 23.38
N ALA A 100 -6.78 -2.14 23.61
CA ALA A 100 -6.10 -2.40 24.94
C ALA A 100 -6.01 -3.86 25.34
N ALA A 101 -6.79 -4.77 24.71
CA ALA A 101 -6.68 -6.21 25.08
C ALA A 101 -5.34 -6.82 24.72
N ILE A 102 -4.80 -7.65 25.61
CA ILE A 102 -3.55 -8.41 25.34
C ILE A 102 -3.95 -9.90 25.40
N GLY A 103 -4.00 -10.56 24.23
CA GLY A 103 -4.18 -12.00 24.23
C GLY A 103 -5.50 -12.44 24.78
N VAL A 104 -6.52 -11.62 24.71
CA VAL A 104 -7.84 -12.06 25.20
C VAL A 104 -8.83 -11.72 24.11
N ALA A 105 -9.99 -12.42 24.05
CA ALA A 105 -11.01 -12.19 23.03
C ALA A 105 -11.89 -11.03 23.40
N ASP A 106 -12.88 -10.73 22.55
CA ASP A 106 -13.66 -9.51 22.81
C ASP A 106 -14.44 -9.60 24.11
N ASP A 107 -14.78 -10.82 24.52
CA ASP A 107 -15.52 -11.11 25.76
C ASP A 107 -14.58 -11.17 26.97
N SER A 108 -13.29 -10.96 26.71
CA SER A 108 -12.16 -10.81 27.68
C SER A 108 -11.56 -12.18 28.19
N THR A 109 -11.97 -13.26 27.55
CA THR A 109 -11.49 -14.58 27.87
C THR A 109 -10.18 -14.85 27.11
N ALA A 110 -9.16 -15.41 27.79
CA ALA A 110 -7.86 -15.81 27.18
C ALA A 110 -8.00 -16.74 25.99
N VAL A 111 -7.17 -16.50 24.99
CA VAL A 111 -7.20 -17.32 23.77
C VAL A 111 -5.76 -17.82 23.54
N LYS A 112 -5.61 -19.03 22.96
CA LYS A 112 -4.26 -19.53 22.73
C LYS A 112 -3.48 -18.72 21.67
N SER A 113 -2.26 -18.33 21.95
CA SER A 113 -1.48 -17.61 20.98
C SER A 113 -0.62 -18.54 20.09
N ILE A 114 -0.01 -17.96 19.08
CA ILE A 114 0.86 -18.72 18.14
C ILE A 114 2.08 -19.24 18.93
N VAL A 115 2.45 -18.53 19.99
CA VAL A 115 3.59 -19.01 20.81
C VAL A 115 3.25 -20.31 21.57
N GLU A 116 2.09 -20.34 22.20
CA GLU A 116 1.58 -21.51 22.85
C GLU A 116 1.34 -22.64 21.87
N ILE A 117 0.70 -22.35 20.72
CA ILE A 117 0.50 -23.36 19.70
C ILE A 117 1.88 -23.85 19.25
N ALA A 118 2.83 -22.96 19.01
CA ALA A 118 4.18 -23.38 18.55
C ALA A 118 4.80 -24.35 19.58
N ALA A 119 4.62 -24.07 20.88
CA ALA A 119 5.16 -24.93 21.96
C ALA A 119 4.58 -26.36 21.90
N LEU A 120 3.26 -26.45 21.66
CA LEU A 120 2.61 -27.78 21.54
C LEU A 120 3.16 -28.61 20.33
N ASN A 121 3.63 -27.89 19.30
CA ASN A 121 4.14 -28.50 18.03
C ASN A 121 5.65 -28.62 18.04
N ASN A 122 6.22 -28.50 19.21
CA ASN A 122 7.65 -28.56 19.41
C ASN A 122 8.47 -27.53 18.68
N ILE A 123 7.91 -26.33 18.61
CA ILE A 123 8.54 -25.24 17.85
C ILE A 123 9.16 -24.31 18.84
N LYS A 124 10.45 -23.95 18.66
CA LYS A 124 11.10 -23.00 19.59
C LYS A 124 10.61 -21.53 19.35
N THR A 125 10.47 -20.70 20.39
CA THR A 125 9.92 -19.34 20.12
C THR A 125 10.78 -18.20 20.71
N GLY A 126 10.74 -17.03 20.07
CA GLY A 126 11.49 -15.84 20.54
C GLY A 126 10.78 -14.54 20.19
N VAL A 127 10.93 -13.50 21.03
CA VAL A 127 10.23 -12.23 20.84
C VAL A 127 11.29 -11.14 21.06
N VAL A 128 11.44 -10.23 20.10
CA VAL A 128 12.47 -9.15 20.16
C VAL A 128 11.73 -7.84 19.96
N ALA A 129 12.09 -6.80 20.70
CA ALA A 129 11.37 -5.54 20.54
C ALA A 129 12.36 -4.39 20.92
N THR A 130 12.21 -3.19 20.35
CA THR A 130 13.06 -2.01 20.77
C THR A 130 12.31 -1.15 21.86
N SER A 131 11.04 -1.48 22.15
CA SER A 131 10.35 -0.92 23.32
C SER A 131 10.69 -1.78 24.53
N SER A 132 10.02 -1.55 25.66
CA SER A 132 10.08 -2.50 26.79
C SER A 132 9.50 -3.81 26.28
N ILE A 133 10.02 -4.95 26.75
CA ILE A 133 9.51 -6.29 26.31
C ILE A 133 8.06 -6.47 26.79
N THR A 134 7.61 -5.60 27.73
CA THR A 134 6.23 -5.69 28.23
C THR A 134 5.25 -4.82 27.44
N HIS A 135 5.74 -4.07 26.45
CA HIS A 135 4.90 -3.16 25.61
C HIS A 135 3.86 -4.00 24.79
N ALA A 136 2.82 -3.38 24.27
CA ALA A 136 1.64 -4.12 23.84
C ALA A 136 1.96 -5.17 22.74
N THR A 137 2.87 -4.83 21.86
CA THR A 137 3.13 -5.74 20.68
C THR A 137 3.79 -7.03 21.12
N PRO A 138 5.02 -6.95 21.77
CA PRO A 138 5.59 -8.22 22.25
C PRO A 138 4.70 -8.96 23.24
N ALA A 139 3.97 -8.18 24.06
CA ALA A 139 3.22 -8.71 25.16
C ALA A 139 2.10 -9.58 24.61
N SER A 140 1.53 -9.23 23.48
CA SER A 140 0.41 -9.99 22.98
C SER A 140 0.90 -11.34 22.46
N PHE A 141 2.24 -11.55 22.31
CA PHE A 141 2.79 -12.88 22.01
C PHE A 141 3.10 -13.90 23.12
N TYR A 142 3.10 -13.49 24.39
CA TYR A 142 3.41 -14.34 25.50
C TYR A 142 2.53 -14.10 26.77
N ALA A 143 1.68 -13.08 26.80
CA ALA A 143 0.81 -12.77 27.99
C ALA A 143 -0.67 -12.74 27.62
N HIS A 144 -1.50 -12.64 28.65
CA HIS A 144 -2.90 -12.61 28.49
C HIS A 144 -3.38 -11.67 29.59
N ALA A 145 -3.79 -10.47 29.23
CA ALA A 145 -4.14 -9.48 30.27
C ALA A 145 -5.29 -8.68 29.79
N LEU A 146 -6.13 -8.20 30.73
CA LEU A 146 -7.31 -7.48 30.29
C LEU A 146 -7.04 -6.10 29.66
N ASN A 147 -5.89 -5.53 30.02
CA ASN A 147 -5.51 -4.23 29.56
C ASN A 147 -4.00 -4.17 29.47
N ARG A 148 -3.56 -3.51 28.39
CA ARG A 148 -2.15 -3.42 28.04
C ARG A 148 -1.37 -2.60 29.06
N GLY A 149 -2.03 -1.78 29.89
CA GLY A 149 -1.20 -0.97 30.81
C GLY A 149 -0.85 -1.75 32.07
N LEU A 150 -1.30 -3.00 32.19
CA LEU A 150 -0.96 -3.83 33.33
C LEU A 150 0.46 -4.45 33.12
N GLU A 151 1.49 -3.64 32.97
CA GLU A 151 2.75 -4.18 32.46
C GLU A 151 3.52 -5.06 33.49
N GLU A 152 3.24 -4.86 34.79
CA GLU A 152 3.83 -5.70 35.86
C GLU A 152 3.20 -7.07 35.86
N GLU A 153 1.88 -7.14 35.60
CA GLU A 153 1.23 -8.42 35.43
C GLU A 153 1.81 -9.14 34.18
N ILE A 154 1.99 -8.39 33.10
CA ILE A 154 2.55 -8.94 31.82
C ILE A 154 3.95 -9.52 32.06
N ALA A 155 4.82 -8.79 32.77
CA ALA A 155 6.13 -9.34 33.07
C ALA A 155 6.02 -10.67 33.82
N MET A 156 5.13 -10.71 34.83
CA MET A 156 4.90 -11.93 35.59
C MET A 156 4.33 -13.02 34.69
N ASP A 157 3.48 -12.66 33.74
CA ASP A 157 2.99 -13.65 32.78
C ASP A 157 4.07 -14.41 31.99
N MET A 158 5.22 -13.81 31.80
CA MET A 158 6.26 -14.51 31.08
C MET A 158 6.74 -15.76 31.81
N THR A 159 6.64 -15.71 33.16
CA THR A 159 7.00 -16.83 34.01
C THR A 159 6.11 -18.01 33.71
N GLU A 160 4.95 -17.81 33.11
CA GLU A 160 4.03 -18.87 32.76
C GLU A 160 4.01 -19.25 31.23
N SER A 161 4.90 -18.67 30.44
CA SER A 161 4.90 -18.86 28.97
C SER A 161 5.96 -19.88 28.60
N ASP A 162 5.83 -20.54 27.43
CA ASP A 162 6.97 -21.39 26.97
C ASP A 162 8.03 -20.71 26.09
N LEU A 163 7.94 -19.39 25.99
CA LEU A 163 8.98 -18.54 25.35
C LEU A 163 10.40 -18.99 25.63
N ASP A 164 11.21 -19.16 24.57
CA ASP A 164 12.55 -19.66 24.70
C ASP A 164 13.60 -18.55 24.65
N PHE A 165 13.26 -17.43 24.00
CA PHE A 165 14.19 -16.30 23.78
C PHE A 165 13.43 -14.96 23.80
N PHE A 166 13.99 -13.94 24.44
CA PHE A 166 13.50 -12.62 24.26
C PHE A 166 14.64 -11.64 24.41
N ALA A 167 14.47 -10.48 23.76
CA ALA A 167 15.38 -9.34 23.90
C ALA A 167 14.67 -7.99 23.73
N GLY A 168 14.90 -7.09 24.66
CA GLY A 168 14.20 -5.81 24.64
C GLY A 168 14.49 -5.01 25.86
N GLY A 169 13.81 -3.89 25.99
CA GLY A 169 13.95 -3.12 27.27
C GLY A 169 13.04 -3.67 28.35
N GLY A 170 12.89 -2.91 29.44
CA GLY A 170 11.77 -3.17 30.40
C GLY A 170 12.27 -3.87 31.65
N LEU A 171 13.56 -3.72 31.96
CA LEU A 171 14.13 -4.27 33.21
C LEU A 171 13.34 -3.81 34.46
N ASN A 172 12.86 -2.57 34.48
CA ASN A 172 12.03 -2.15 35.61
C ASN A 172 10.86 -3.03 35.93
N TYR A 173 10.18 -3.55 34.89
CA TYR A 173 9.01 -4.41 35.14
C TYR A 173 9.28 -5.76 35.79
N PHE A 174 10.54 -6.20 35.80
CA PHE A 174 10.92 -7.45 36.38
C PHE A 174 11.60 -7.27 37.79
N THR A 175 12.07 -6.09 38.10
CA THR A 175 12.91 -5.96 39.29
C THR A 175 12.62 -4.71 40.14
N SER A 176 11.85 -3.76 39.66
CA SER A 176 11.49 -2.61 40.49
C SER A 176 9.98 -2.52 40.53
N ARG A 177 9.31 -3.52 41.13
CA ARG A 177 7.87 -3.67 41.05
C ARG A 177 7.13 -3.21 42.31
N LYS A 178 5.85 -2.88 42.18
CA LYS A 178 4.99 -2.49 43.35
C LYS A 178 4.94 -3.63 44.38
N ASP A 179 4.85 -4.86 43.86
CA ASP A 179 4.77 -6.05 44.69
C ASP A 179 6.15 -6.53 45.23
N LYS A 180 7.23 -5.88 44.85
CA LYS A 180 8.54 -6.15 45.46
C LYS A 180 9.19 -7.46 45.02
N LYS A 181 8.47 -8.24 44.21
CA LYS A 181 8.96 -9.54 43.69
C LYS A 181 10.11 -9.46 42.72
N ASP A 182 10.98 -10.44 42.81
CA ASP A 182 12.08 -10.56 41.86
C ASP A 182 11.68 -11.58 40.78
N VAL A 183 11.16 -11.08 39.67
CA VAL A 183 10.70 -11.93 38.60
C VAL A 183 11.88 -12.61 37.85
N LEU A 184 13.03 -12.01 37.89
CA LEU A 184 14.19 -12.62 37.26
C LEU A 184 14.51 -13.97 37.89
N ALA A 185 14.33 -14.06 39.24
CA ALA A 185 14.66 -15.27 39.99
C ALA A 185 13.75 -16.42 39.52
N ILE A 186 12.46 -16.10 39.39
CA ILE A 186 11.48 -17.02 38.87
C ILE A 186 11.85 -17.49 37.43
N LEU A 187 12.19 -16.53 36.56
CA LEU A 187 12.66 -16.87 35.20
C LEU A 187 13.90 -17.78 35.23
N LYS A 188 14.87 -17.49 36.11
CA LYS A 188 16.05 -18.36 36.23
C LYS A 188 15.70 -19.77 36.72
N GLY A 189 14.71 -19.85 37.63
CA GLY A 189 14.05 -21.11 38.03
C GLY A 189 13.44 -21.86 36.84
N ASN A 190 13.00 -21.12 35.78
CA ASN A 190 12.39 -21.75 34.59
C ASN A 190 13.41 -22.02 33.48
N GLN A 191 14.69 -21.92 33.83
CA GLN A 191 15.80 -22.29 32.95
C GLN A 191 16.34 -21.15 32.08
N PHE A 192 15.89 -19.91 32.35
CA PHE A 192 16.42 -18.74 31.67
C PHE A 192 17.76 -18.38 32.21
N THR A 193 18.63 -17.97 31.30
CA THR A 193 19.78 -17.15 31.61
C THR A 193 19.29 -15.75 31.24
N ILE A 194 19.60 -14.77 32.07
CA ILE A 194 19.22 -13.40 31.82
C ILE A 194 20.49 -12.53 31.75
N ASN A 195 20.57 -11.64 30.76
CA ASN A 195 21.63 -10.73 30.63
C ASN A 195 21.02 -9.32 30.65
N THR A 196 21.51 -8.49 31.56
CA THR A 196 21.08 -7.13 31.67
C THR A 196 22.14 -6.15 31.28
N THR A 197 23.22 -6.63 30.67
CA THR A 197 24.31 -5.72 30.30
C THR A 197 24.57 -5.37 28.81
N GLY A 198 24.59 -6.35 27.89
CA GLY A 198 24.74 -6.09 26.48
C GLY A 198 24.31 -7.33 25.70
N LEU A 199 23.93 -7.16 24.43
CA LEU A 199 23.90 -8.28 23.48
C LEU A 199 25.28 -8.85 23.30
N THR A 200 25.38 -10.15 23.45
CA THR A 200 26.67 -10.80 23.38
C THR A 200 26.76 -11.56 22.04
N ASP A 201 27.95 -12.07 21.75
CA ASP A 201 28.15 -13.03 20.66
C ASP A 201 27.25 -14.25 20.85
N PHE A 202 27.02 -14.99 19.79
CA PHE A 202 26.24 -16.22 19.92
C PHE A 202 27.03 -17.27 20.83
N SER A 203 28.36 -17.30 20.74
CA SER A 203 29.17 -18.24 21.57
C SER A 203 28.93 -18.05 23.08
N SER A 204 28.50 -16.86 23.49
CA SER A 204 28.16 -16.68 24.88
C SER A 204 26.86 -17.27 25.31
N ILE A 205 25.89 -17.53 24.41
CA ILE A 205 24.63 -18.08 24.85
C ILE A 205 24.27 -19.44 24.27
N ALA A 206 25.14 -20.01 23.43
CA ALA A 206 24.76 -21.20 22.66
C ALA A 206 24.41 -22.36 23.56
N SER A 207 25.00 -22.41 24.76
CA SER A 207 24.70 -23.51 25.66
C SER A 207 23.60 -23.25 26.68
N ASN A 208 22.97 -22.06 26.63
CA ASN A 208 21.82 -21.77 27.55
C ASN A 208 20.58 -22.55 27.09
N ARG A 209 19.66 -22.87 28.00
CA ARG A 209 18.42 -23.54 27.58
C ARG A 209 17.37 -22.56 27.05
N LYS A 210 17.32 -21.40 27.71
CA LYS A 210 16.49 -20.22 27.37
C LYS A 210 17.30 -18.95 27.68
N MET A 211 17.01 -17.90 26.94
CA MET A 211 17.88 -16.71 27.01
C MET A 211 17.03 -15.48 26.98
N GLY A 212 17.28 -14.56 27.90
CA GLY A 212 16.52 -13.31 27.87
C GLY A 212 17.48 -12.16 28.01
N PHE A 213 17.30 -11.13 27.20
CA PHE A 213 18.07 -9.88 27.35
C PHE A 213 17.14 -8.75 27.74
N LEU A 214 17.48 -8.07 28.88
CA LEU A 214 16.79 -6.85 29.34
C LEU A 214 17.76 -5.73 29.40
N LEU A 215 17.82 -4.97 28.32
CA LEU A 215 18.96 -4.08 28.06
C LEU A 215 18.71 -2.62 28.31
N ALA A 216 17.56 -2.30 28.85
CA ALA A 216 17.29 -0.98 29.37
C ALA A 216 16.21 -1.09 30.46
N ASP A 217 16.14 -0.08 31.30
CA ASP A 217 15.08 -0.02 32.37
C ASP A 217 13.66 0.06 31.78
N GLU A 218 13.51 0.93 30.80
CA GLU A 218 12.21 1.14 30.11
C GLU A 218 12.50 0.82 28.62
N ALA A 219 12.23 1.73 27.69
CA ALA A 219 12.47 1.38 26.26
C ALA A 219 13.95 1.38 25.93
N MET A 220 14.36 0.61 24.87
CA MET A 220 15.74 0.75 24.35
C MET A 220 15.97 2.22 23.91
N PRO A 221 17.25 2.70 23.85
CA PRO A 221 17.53 3.97 23.21
C PRO A 221 16.97 4.03 21.77
N THR A 222 16.71 5.27 21.32
CA THR A 222 16.35 5.61 19.92
C THR A 222 17.57 5.37 19.07
N MET A 223 17.36 5.23 17.76
CA MET A 223 18.52 5.13 16.89
C MET A 223 19.36 6.44 16.99
N GLU A 224 18.67 7.58 17.15
CA GLU A 224 19.33 8.87 17.21
C GLU A 224 20.22 9.01 18.47
N SER A 225 19.89 8.26 19.52
CA SER A 225 20.67 8.17 20.77
C SER A 225 21.61 6.96 20.85
N GLY A 226 21.89 6.34 19.73
CA GLY A 226 22.99 5.39 19.67
C GLY A 226 22.59 3.93 19.85
N ARG A 227 21.30 3.57 19.65
CA ARG A 227 20.96 2.14 19.82
C ARG A 227 21.76 1.21 18.84
N GLY A 228 22.04 1.70 17.65
CA GLY A 228 22.81 0.93 16.63
C GLY A 228 22.07 -0.27 16.17
N ASN A 229 22.80 -1.35 15.88
CA ASN A 229 22.14 -2.45 15.21
C ASN A 229 21.54 -3.53 16.07
N PHE A 230 21.01 -3.12 17.24
CA PHE A 230 20.36 -3.99 18.20
C PHE A 230 19.33 -4.90 17.51
N LEU A 231 18.41 -4.31 16.78
CA LEU A 231 17.29 -5.12 16.23
C LEU A 231 17.77 -6.28 15.30
N SER A 232 18.63 -5.95 14.36
CA SER A 232 19.26 -6.94 13.44
C SER A 232 20.09 -7.95 14.20
N ALA A 233 20.99 -7.46 15.08
CA ALA A 233 21.80 -8.39 15.91
C ALA A 233 20.98 -9.34 16.80
N ALA A 234 19.92 -8.84 17.47
CA ALA A 234 19.09 -9.61 18.34
C ALA A 234 18.28 -10.61 17.51
N THR A 235 17.87 -10.23 16.33
CA THR A 235 17.10 -11.13 15.49
C THR A 235 18.05 -12.24 14.96
N ASP A 236 19.22 -11.89 14.48
CA ASP A 236 20.22 -12.93 14.19
C ASP A 236 20.52 -13.86 15.38
N LEU A 237 20.67 -13.33 16.61
CA LEU A 237 20.88 -14.20 17.81
C LEU A 237 19.72 -15.15 18.02
N ALA A 238 18.50 -14.62 17.93
CA ALA A 238 17.32 -15.47 18.13
C ALA A 238 17.35 -16.63 17.09
N ILE A 239 17.75 -16.33 15.87
CA ILE A 239 17.69 -17.38 14.81
C ILE A 239 18.70 -18.42 15.15
N GLN A 240 19.93 -18.00 15.41
CA GLN A 240 20.95 -19.00 15.75
C GLN A 240 20.67 -19.84 16.98
N PHE A 241 20.17 -19.16 18.04
CA PHE A 241 19.80 -19.78 19.29
C PHE A 241 18.63 -20.74 19.13
N LEU A 242 17.53 -20.28 18.55
CA LEU A 242 16.36 -21.16 18.48
C LEU A 242 16.50 -22.29 17.45
N SER A 243 17.48 -22.22 16.57
CA SER A 243 17.63 -23.31 15.65
C SER A 243 18.78 -24.23 16.03
N LYS A 244 19.33 -24.05 17.25
CA LYS A 244 20.50 -24.77 17.80
C LYS A 244 20.59 -26.23 17.45
N ASP A 245 19.51 -26.97 17.74
CA ASP A 245 19.56 -28.43 17.65
C ASP A 245 18.64 -28.95 16.54
N ASN A 246 18.67 -28.24 15.42
CA ASN A 246 17.80 -28.51 14.26
C ASN A 246 16.28 -28.37 14.54
N SER A 247 15.97 -27.68 15.65
CA SER A 247 14.59 -27.36 15.95
C SER A 247 14.02 -26.28 14.98
N ALA A 248 12.75 -26.43 14.61
CA ALA A 248 11.96 -25.42 13.95
C ALA A 248 11.69 -24.27 14.94
N PHE A 249 11.51 -23.05 14.39
CA PHE A 249 11.27 -21.85 15.26
C PHE A 249 10.25 -20.87 14.66
N PHE A 250 9.69 -20.05 15.58
CA PHE A 250 8.88 -18.91 15.30
C PHE A 250 9.47 -17.69 16.04
N ILE A 251 9.66 -16.56 15.37
CA ILE A 251 10.23 -15.36 15.98
C ILE A 251 9.35 -14.20 15.57
N MET A 252 8.97 -13.33 16.52
CA MET A 252 8.40 -12.07 16.24
C MET A 252 9.45 -10.99 16.64
N SER A 253 9.85 -10.15 15.68
CA SER A 253 10.73 -9.00 15.96
C SER A 253 10.03 -7.76 15.59
N GLU A 254 10.09 -6.79 16.52
CA GLU A 254 9.28 -5.60 16.33
C GLU A 254 10.17 -4.36 16.25
N GLY A 255 10.00 -3.59 15.18
CA GLY A 255 10.48 -2.16 15.06
C GLY A 255 9.48 -1.24 15.81
N SER A 256 9.62 -1.20 17.14
CA SER A 256 8.63 -0.58 18.08
C SER A 256 8.50 0.91 18.02
N GLN A 257 9.60 1.60 17.70
CA GLN A 257 9.63 3.06 17.95
C GLN A 257 9.23 3.84 16.70
N ILE A 258 9.01 3.12 15.59
CA ILE A 258 8.46 3.84 14.42
C ILE A 258 7.17 4.61 14.80
N ASP A 259 6.32 3.93 15.51
CA ASP A 259 5.03 4.53 15.94
C ASP A 259 5.28 5.75 16.86
N TRP A 260 6.35 5.70 17.63
CA TRP A 260 6.54 6.81 18.60
C TRP A 260 6.95 8.05 17.89
N GLY A 261 7.76 7.88 16.81
CA GLY A 261 8.04 8.90 15.81
C GLY A 261 6.79 9.51 15.18
N GLY A 262 5.82 8.67 14.85
CA GLY A 262 4.58 9.15 14.23
C GLY A 262 3.79 9.97 15.27
N HIS A 263 3.64 9.48 16.49
CA HIS A 263 2.88 10.18 17.55
C HIS A 263 3.53 11.50 17.85
N ALA A 264 4.87 11.60 17.73
CA ALA A 264 5.52 12.87 18.09
C ALA A 264 5.50 13.85 16.91
N ASN A 265 4.97 13.40 15.74
CA ASN A 265 5.13 14.08 14.45
C ASN A 265 6.64 14.50 14.30
N ASN A 266 7.56 13.58 14.57
CA ASN A 266 9.00 13.83 14.48
C ASN A 266 9.58 12.99 13.31
N ALA A 267 9.80 13.63 12.16
CA ALA A 267 10.18 12.91 10.94
C ALA A 267 11.53 12.26 10.97
N SER A 268 12.54 12.89 11.57
CA SER A 268 13.83 12.24 11.55
C SER A 268 13.82 11.04 12.51
N TYR A 269 13.07 11.14 13.61
CA TYR A 269 12.87 10.05 14.52
C TYR A 269 12.17 8.90 13.81
N LEU A 270 11.05 9.18 13.18
CA LEU A 270 10.35 8.12 12.49
C LEU A 270 11.22 7.40 11.40
N ILE A 271 11.92 8.20 10.61
CA ILE A 271 12.65 7.74 9.40
C ILE A 271 13.88 6.90 9.84
N SER A 272 14.60 7.38 10.85
CA SER A 272 15.74 6.63 11.41
C SER A 272 15.29 5.30 11.99
N GLU A 273 14.16 5.26 12.71
CA GLU A 273 13.64 3.96 13.19
C GLU A 273 13.15 3.03 12.05
N ILE A 274 12.45 3.56 11.06
CA ILE A 274 12.03 2.65 9.99
C ILE A 274 13.22 2.16 9.13
N ASN A 275 14.28 2.97 8.95
CA ASN A 275 15.47 2.47 8.17
C ASN A 275 16.16 1.32 8.90
N ASP A 276 16.29 1.44 10.25
CA ASP A 276 16.77 0.32 11.15
C ASP A 276 15.89 -0.96 10.96
N PHE A 277 14.59 -0.78 11.02
CA PHE A 277 13.65 -1.91 10.79
C PHE A 277 13.93 -2.55 9.38
N ASP A 278 14.20 -1.73 8.35
CA ASP A 278 14.50 -2.28 7.03
C ASP A 278 15.83 -3.03 7.05
N ASP A 279 16.82 -2.59 7.86
CA ASP A 279 18.00 -3.43 8.08
C ASP A 279 17.65 -4.83 8.66
N ALA A 280 16.82 -4.92 9.70
CA ALA A 280 16.37 -6.20 10.21
C ALA A 280 15.64 -7.10 9.13
N ILE A 281 14.93 -6.46 8.22
CA ILE A 281 14.23 -7.21 7.18
C ILE A 281 15.35 -7.91 6.32
N GLY A 282 16.43 -7.18 6.06
CA GLY A 282 17.56 -7.74 5.27
C GLY A 282 18.24 -8.86 5.99
N THR A 283 18.47 -8.70 7.31
CA THR A 283 18.88 -9.81 8.19
C THR A 283 18.04 -11.11 8.11
N ALA A 284 16.72 -10.95 8.27
CA ALA A 284 15.79 -12.04 8.13
C ALA A 284 15.86 -12.67 6.77
N LEU A 285 15.89 -11.86 5.74
CA LEU A 285 15.78 -12.35 4.38
C LEU A 285 17.06 -13.02 3.93
N ALA A 286 18.19 -12.50 4.40
CA ALA A 286 19.50 -13.14 4.06
C ALA A 286 19.57 -14.55 4.64
N PHE A 287 19.09 -14.70 5.89
CA PHE A 287 18.99 -16.02 6.54
C PHE A 287 17.99 -16.91 5.77
N ALA A 288 16.82 -16.37 5.49
CA ALA A 288 15.75 -17.20 4.85
C ALA A 288 16.18 -17.71 3.43
N LYS A 289 16.80 -16.85 2.66
CA LYS A 289 17.21 -17.17 1.28
C LYS A 289 18.21 -18.29 1.25
N LYS A 290 19.22 -18.22 2.13
CA LYS A 290 20.15 -19.32 2.35
C LYS A 290 19.49 -20.61 2.91
N ASP A 291 18.66 -20.46 3.95
CA ASP A 291 17.98 -21.57 4.62
C ASP A 291 17.02 -22.32 3.68
N GLY A 292 16.29 -21.60 2.85
CA GLY A 292 15.32 -22.23 1.95
C GLY A 292 14.04 -22.81 2.58
N ASN A 293 13.96 -22.88 3.91
CA ASN A 293 12.83 -23.46 4.61
C ASN A 293 12.17 -22.51 5.63
N THR A 294 12.37 -21.22 5.37
CA THR A 294 11.89 -20.14 6.22
C THR A 294 10.91 -19.15 5.53
N LEU A 295 9.76 -18.95 6.16
CA LEU A 295 8.85 -17.96 5.72
C LEU A 295 9.06 -16.64 6.51
N VAL A 296 9.15 -15.51 5.81
CA VAL A 296 9.33 -14.18 6.47
C VAL A 296 8.14 -13.37 6.13
N ILE A 297 7.44 -12.89 7.16
CA ILE A 297 6.27 -12.06 6.93
C ILE A 297 6.64 -10.72 7.55
N VAL A 298 6.47 -9.63 6.80
CA VAL A 298 6.61 -8.24 7.33
C VAL A 298 5.31 -7.49 7.24
N THR A 299 4.90 -6.85 8.32
CA THR A 299 3.68 -6.06 8.28
C THR A 299 3.72 -5.12 9.42
N SER A 300 2.64 -4.37 9.58
CA SER A 300 2.47 -3.38 10.65
C SER A 300 1.16 -3.63 11.32
N ASP A 301 1.02 -3.11 12.55
CA ASP A 301 -0.30 -3.16 13.18
C ASP A 301 -1.33 -2.12 12.70
N HIS A 302 -0.88 -0.93 12.28
CA HIS A 302 -1.75 0.18 11.85
C HIS A 302 -0.71 1.28 11.48
N GLU A 303 -1.20 2.39 10.91
CA GLU A 303 -0.44 3.56 10.56
C GLU A 303 -0.53 4.59 11.69
N THR A 304 0.51 5.40 11.84
CA THR A 304 0.42 6.53 12.80
C THR A 304 0.88 7.92 12.28
N GLY A 305 0.11 8.95 12.64
CA GLY A 305 0.50 10.33 12.29
C GLY A 305 0.02 10.92 10.96
N GLY A 306 -0.67 10.15 10.10
CA GLY A 306 -0.86 10.60 8.69
C GLY A 306 0.42 11.08 8.04
N PHE A 307 1.55 10.41 8.31
CA PHE A 307 2.88 10.78 7.75
C PHE A 307 2.75 10.76 6.22
N THR A 308 3.23 11.85 5.58
CA THR A 308 3.08 12.09 4.11
C THR A 308 4.40 12.57 3.53
N LEU A 309 4.83 11.99 2.40
CA LEU A 309 6.06 12.50 1.71
C LEU A 309 5.68 13.72 0.80
N ALA A 310 5.19 14.82 1.43
CA ALA A 310 4.69 16.01 0.76
C ALA A 310 5.88 16.76 0.09
N ALA A 311 5.59 17.66 -0.84
CA ALA A 311 6.62 18.49 -1.47
C ALA A 311 7.12 19.45 -0.40
N LYS A 312 8.41 19.77 -0.48
CA LYS A 312 9.00 20.77 0.38
C LYS A 312 8.21 22.09 0.33
N LYS A 313 8.01 22.74 1.48
CA LYS A 313 7.23 23.98 1.50
C LYS A 313 8.18 25.20 1.56
N ASN A 314 7.97 26.17 0.66
CA ASN A 314 8.71 27.44 0.71
C ASN A 314 7.77 28.61 0.99
N LYS A 315 8.35 29.68 1.55
CA LYS A 315 7.65 30.96 1.75
C LYS A 315 7.85 31.96 0.54
N ARG A 316 6.75 32.48 -0.01
CA ARG A 316 6.81 33.40 -1.17
C ARG A 316 7.05 34.84 -0.74
N GLU A 321 4.03 30.90 1.11
CA GLU A 321 3.95 29.40 1.15
C GLU A 321 3.50 28.71 -0.17
N TYR A 322 4.43 28.05 -0.87
CA TYR A 322 4.16 27.25 -2.09
C TYR A 322 5.02 25.95 -2.07
N SER A 323 4.70 25.00 -2.96
CA SER A 323 5.37 23.72 -3.04
C SER A 323 6.57 23.70 -3.99
N ASP A 324 7.60 22.96 -3.65
CA ASP A 324 8.67 22.67 -4.59
C ASP A 324 8.75 21.16 -4.71
N TYR A 325 8.20 20.63 -5.80
CA TYR A 325 8.10 19.20 -6.11
C TYR A 325 9.46 18.56 -6.35
N THR A 326 10.51 19.36 -6.46
CA THR A 326 11.79 18.72 -6.67
C THR A 326 12.22 17.98 -5.40
N SER A 327 11.67 18.35 -4.22
CA SER A 327 12.22 17.89 -2.96
C SER A 327 11.09 17.52 -1.95
N ILE A 328 11.34 16.50 -1.12
CA ILE A 328 10.34 16.07 -0.11
C ILE A 328 10.47 16.78 1.28
N GLY A 329 9.35 17.25 1.81
CA GLY A 329 9.29 17.78 3.19
C GLY A 329 8.19 17.01 3.96
N PRO A 330 8.58 15.98 4.74
CA PRO A 330 7.62 15.10 5.46
C PRO A 330 6.67 15.87 6.38
N SER A 331 5.39 15.55 6.33
CA SER A 331 4.38 16.27 7.13
C SER A 331 3.44 15.27 7.79
N PHE A 332 2.62 15.69 8.75
CA PHE A 332 1.76 14.81 9.49
C PHE A 332 0.45 15.52 9.65
N SER A 333 -0.61 14.77 9.85
CA SER A 333 -1.87 15.43 10.09
C SER A 333 -2.51 15.08 11.41
N THR A 334 -1.92 14.15 12.15
CA THR A 334 -2.57 13.67 13.36
C THR A 334 -1.51 13.21 14.32
N GLY A 335 -1.87 13.08 15.59
CA GLY A 335 -0.92 12.67 16.63
C GLY A 335 -1.26 11.26 17.01
N GLY A 336 -2.34 10.71 16.42
CA GLY A 336 -2.82 9.34 16.70
C GLY A 336 -2.68 8.35 15.53
N HIS A 337 -3.33 7.19 15.67
CA HIS A 337 -3.31 6.08 14.68
C HIS A 337 -4.29 6.42 13.58
N SER A 338 -4.14 5.74 12.45
CA SER A 338 -5.16 5.84 11.40
C SER A 338 -5.60 4.45 10.87
N ALA A 339 -6.66 4.43 10.06
CA ALA A 339 -7.35 3.20 9.73
C ALA A 339 -7.01 2.69 8.35
N THR A 340 -5.94 3.23 7.82
CA THR A 340 -5.57 2.79 6.44
C THR A 340 -5.39 1.26 6.44
N LEU A 341 -5.68 0.63 5.29
CA LEU A 341 -5.19 -0.74 5.08
C LEU A 341 -3.66 -0.71 5.16
N ILE A 342 -3.04 -1.83 5.52
CA ILE A 342 -1.59 -1.86 5.78
C ILE A 342 -0.97 -2.98 4.85
N PRO A 343 0.18 -2.68 4.23
CA PRO A 343 0.81 -3.73 3.39
C PRO A 343 1.39 -4.94 4.16
N VAL A 344 1.33 -6.14 3.54
CA VAL A 344 1.87 -7.29 4.15
C VAL A 344 2.89 -7.76 3.08
N PHE A 345 4.11 -8.09 3.48
CA PHE A 345 5.11 -8.66 2.54
C PHE A 345 5.45 -10.08 2.97
N ALA A 346 5.61 -11.05 2.01
CA ALA A 346 5.89 -12.40 2.41
C ALA A 346 6.91 -13.01 1.44
N TYR A 347 7.89 -13.68 1.99
CA TYR A 347 8.92 -14.34 1.20
C TYR A 347 9.08 -15.71 1.82
N GLY A 348 9.32 -16.76 1.00
CA GLY A 348 9.59 -18.11 1.50
C GLY A 348 8.48 -19.10 1.19
N PRO A 349 8.59 -20.39 1.63
CA PRO A 349 7.51 -21.35 1.36
C PRO A 349 6.19 -20.91 1.96
N GLY A 350 5.12 -21.03 1.17
CA GLY A 350 3.81 -20.51 1.53
C GLY A 350 3.51 -19.02 1.40
N SER A 351 4.45 -18.21 0.93
CA SER A 351 4.32 -16.71 0.86
C SER A 351 3.13 -16.25 -0.02
N GLU A 352 2.79 -17.07 -1.03
CA GLU A 352 1.58 -16.83 -1.86
C GLU A 352 0.27 -16.80 -1.05
N GLU A 353 0.21 -17.47 0.11
CA GLU A 353 -1.03 -17.45 0.95
C GLU A 353 -1.37 -16.03 1.49
N PHE A 354 -0.37 -15.13 1.50
CA PHE A 354 -0.52 -13.80 2.07
C PHE A 354 -0.85 -12.62 1.10
N ILE A 355 -1.19 -12.91 -0.16
CA ILE A 355 -1.55 -11.89 -1.15
C ILE A 355 -3.05 -11.61 -1.06
N GLY A 356 -3.54 -10.60 -1.75
CA GLY A 356 -4.89 -10.27 -1.65
C GLY A 356 -5.17 -9.37 -0.47
N ILE A 357 -6.47 -9.13 -0.25
CA ILE A 357 -6.95 -8.20 0.82
C ILE A 357 -7.77 -8.98 1.88
N TYR A 358 -7.37 -8.91 3.15
CA TYR A 358 -7.99 -9.73 4.20
C TYR A 358 -7.94 -8.95 5.50
N GLU A 359 -8.69 -9.42 6.50
CA GLU A 359 -8.67 -8.78 7.83
C GLU A 359 -7.33 -9.15 8.56
N ASN A 360 -6.81 -8.25 9.41
CA ASN A 360 -5.51 -8.51 10.15
C ASN A 360 -5.41 -9.85 10.87
N ASN A 361 -6.52 -10.29 11.46
CA ASN A 361 -6.52 -11.50 12.25
C ASN A 361 -6.28 -12.74 11.40
N GLU A 362 -6.42 -12.61 10.10
CA GLU A 362 -6.24 -13.75 9.26
C GLU A 362 -4.76 -14.03 9.07
N ILE A 363 -3.89 -13.11 9.53
CA ILE A 363 -2.46 -13.41 9.50
C ILE A 363 -2.16 -14.71 10.30
N PHE A 364 -2.71 -14.79 11.52
CA PHE A 364 -2.63 -15.95 12.40
C PHE A 364 -3.06 -17.25 11.66
N HIS A 365 -4.29 -17.22 11.12
CA HIS A 365 -4.77 -18.38 10.41
C HIS A 365 -3.95 -18.81 9.15
N LYS A 366 -3.43 -17.83 8.44
CA LYS A 366 -2.58 -18.10 7.29
C LYS A 366 -1.24 -18.76 7.69
N ILE A 367 -0.58 -18.24 8.72
CA ILE A 367 0.56 -18.92 9.30
C ILE A 367 0.33 -20.38 9.66
N LEU A 368 -0.76 -20.65 10.41
CA LEU A 368 -1.10 -22.03 10.86
C LEU A 368 -1.32 -22.89 9.60
N LYS A 369 -2.01 -22.32 8.63
CA LYS A 369 -2.29 -23.05 7.40
C LYS A 369 -1.02 -23.51 6.62
N VAL A 370 -0.05 -22.60 6.40
CA VAL A 370 1.09 -22.95 5.61
C VAL A 370 2.10 -23.82 6.41
N THR A 371 2.28 -23.56 7.72
CA THR A 371 3.22 -24.34 8.56
C THR A 371 2.65 -25.73 8.91
N LYS A 372 1.31 -25.84 8.85
CA LYS A 372 0.56 -27.05 9.35
C LYS A 372 0.76 -27.22 10.86
N TRP A 373 1.18 -26.18 11.57
CA TRP A 373 1.29 -26.34 13.00
C TRP A 373 -0.18 -26.55 13.49
N ASN A 374 -0.42 -27.54 14.33
CA ASN A 374 -1.77 -27.95 14.68
C ASN A 374 -2.21 -27.22 15.95
N GLN A 375 -3.50 -26.96 16.01
CA GLN A 375 -4.17 -26.31 17.16
C GLN A 375 -5.31 -27.18 17.71
N GLN B 30 6.10 -19.18 -16.85
CA GLN B 30 5.31 -19.24 -18.14
C GLN B 30 3.84 -18.81 -17.91
N LEU B 31 3.61 -17.49 -17.95
CA LEU B 31 2.28 -16.90 -17.72
C LEU B 31 1.33 -17.06 -18.93
N LYS B 32 0.05 -16.82 -18.69
CA LYS B 32 -0.96 -16.72 -19.74
C LYS B 32 -0.83 -15.36 -20.40
N THR B 33 -1.26 -15.27 -21.66
CA THR B 33 -1.14 -14.07 -22.48
C THR B 33 -2.54 -13.46 -22.65
N PRO B 34 -2.76 -12.21 -22.18
CA PRO B 34 -4.08 -11.60 -22.39
C PRO B 34 -4.22 -11.11 -23.85
N LYS B 35 -5.44 -11.26 -24.39
CA LYS B 35 -5.81 -10.69 -25.65
C LYS B 35 -6.09 -9.19 -25.47
N ASN B 36 -6.73 -8.82 -24.35
CA ASN B 36 -7.21 -7.48 -24.09
C ASN B 36 -6.61 -6.92 -22.81
N VAL B 37 -6.58 -5.61 -22.70
CA VAL B 37 -6.05 -4.92 -21.49
C VAL B 37 -6.91 -3.70 -21.14
N ILE B 38 -7.30 -3.58 -19.87
CA ILE B 38 -8.01 -2.42 -19.37
C ILE B 38 -7.12 -1.81 -18.25
N LEU B 39 -6.63 -0.59 -18.41
CA LEU B 39 -5.82 0.09 -17.40
C LEU B 39 -6.71 1.13 -16.75
N LEU B 40 -7.05 1.02 -15.47
CA LEU B 40 -7.88 2.02 -14.78
C LEU B 40 -6.98 2.80 -13.85
N ILE B 41 -6.97 4.13 -14.01
CA ILE B 41 -6.17 5.02 -13.20
C ILE B 41 -7.05 5.85 -12.28
N SER B 42 -6.76 5.77 -10.99
CA SER B 42 -7.37 6.67 -9.96
C SER B 42 -6.35 7.79 -9.74
N ASP B 43 -6.58 8.96 -10.26
CA ASP B 43 -5.57 9.98 -10.13
C ASP B 43 -5.51 10.48 -8.69
N GLY B 44 -4.33 10.54 -8.04
CA GLY B 44 -4.33 11.18 -6.73
C GLY B 44 -4.66 10.19 -5.62
N ALA B 45 -4.90 8.91 -5.94
CA ALA B 45 -5.29 7.93 -4.90
C ALA B 45 -4.12 7.09 -4.35
N GLY B 46 -3.68 7.45 -3.14
CA GLY B 46 -2.85 6.53 -2.37
C GLY B 46 -3.59 5.40 -1.68
N LEU B 47 -2.85 4.59 -0.93
CA LEU B 47 -3.50 3.54 -0.20
C LEU B 47 -4.54 4.09 0.84
N SER B 48 -4.36 5.28 1.42
CA SER B 48 -5.32 5.75 2.40
C SER B 48 -6.63 6.08 1.66
N GLN B 49 -6.55 6.71 0.50
CA GLN B 49 -7.75 6.94 -0.39
C GLN B 49 -8.47 5.67 -0.78
N ILE B 50 -7.72 4.67 -1.28
CA ILE B 50 -8.31 3.36 -1.54
C ILE B 50 -9.02 2.80 -0.30
N SER B 51 -8.37 2.98 0.88
CA SER B 51 -8.90 2.34 2.10
C SER B 51 -10.24 2.98 2.51
N SER B 52 -10.45 4.21 2.10
CA SER B 52 -11.72 4.89 2.47
C SER B 52 -12.96 4.10 1.96
N THR B 53 -12.84 3.35 0.87
CA THR B 53 -13.96 2.58 0.31
C THR B 53 -14.30 1.42 1.24
N PHE B 54 -13.38 1.06 2.15
CA PHE B 54 -13.66 0.01 3.12
C PHE B 54 -14.47 0.53 4.32
N TYR B 55 -14.60 1.84 4.47
CA TYR B 55 -15.33 2.43 5.58
C TYR B 55 -16.47 3.35 5.19
N PHE B 56 -16.46 3.84 3.93
CA PHE B 56 -17.40 4.84 3.50
C PHE B 56 -18.21 4.46 2.27
N LYS B 57 -18.21 3.18 1.89
CA LYS B 57 -18.95 2.76 0.73
C LYS B 57 -19.92 1.71 1.26
N SER B 58 -21.17 1.73 0.83
CA SER B 58 -22.08 0.60 1.15
C SER B 58 -21.59 -0.74 0.49
N GLY B 59 -21.62 -1.86 1.21
CA GLY B 59 -21.23 -3.16 0.62
C GLY B 59 -19.70 -3.37 0.62
N THR B 60 -19.21 -4.30 -0.18
CA THR B 60 -17.76 -4.63 -0.20
C THR B 60 -17.10 -3.98 -1.45
N PRO B 61 -15.88 -3.34 -1.27
CA PRO B 61 -15.17 -2.75 -2.39
C PRO B 61 -14.74 -3.80 -3.42
N ASN B 62 -14.82 -3.43 -4.68
CA ASN B 62 -14.33 -4.29 -5.73
C ASN B 62 -12.81 -4.52 -5.65
N TYR B 63 -12.11 -3.66 -4.93
CA TYR B 63 -10.68 -3.87 -4.70
C TYR B 63 -10.43 -5.24 -4.11
N THR B 64 -11.34 -5.72 -3.26
CA THR B 64 -11.17 -7.08 -2.64
C THR B 64 -11.13 -8.30 -3.60
N GLN B 65 -11.56 -8.12 -4.84
CA GLN B 65 -11.39 -9.16 -5.88
C GLN B 65 -9.94 -9.44 -6.27
N PHE B 66 -9.04 -8.50 -5.99
CA PHE B 66 -7.63 -8.66 -6.45
C PHE B 66 -6.80 -9.49 -5.50
N LYS B 67 -6.01 -10.38 -6.10
CA LYS B 67 -5.05 -11.19 -5.42
C LYS B 67 -3.65 -10.62 -5.68
N ASN B 68 -3.31 -10.45 -6.95
CA ASN B 68 -1.99 -9.95 -7.32
C ASN B 68 -1.86 -8.47 -7.11
N ILE B 69 -0.86 -8.06 -6.29
CA ILE B 69 -0.69 -6.68 -5.87
C ILE B 69 0.80 -6.30 -5.93
N GLY B 70 1.11 -5.15 -6.54
CA GLY B 70 2.44 -4.59 -6.58
C GLY B 70 2.52 -3.15 -6.04
N LEU B 71 3.72 -2.60 -6.09
CA LEU B 71 3.99 -1.24 -5.62
C LEU B 71 4.88 -0.51 -6.61
N ILE B 72 4.46 0.69 -7.00
CA ILE B 72 5.24 1.55 -7.85
C ILE B 72 5.80 2.80 -7.21
N LYS B 73 7.02 3.09 -7.61
CA LYS B 73 7.69 4.30 -7.17
C LYS B 73 7.44 5.34 -8.26
N THR B 74 6.91 6.52 -7.86
CA THR B 74 6.37 7.46 -8.80
C THR B 74 7.20 8.68 -9.18
N SER B 75 8.40 8.89 -8.63
CA SER B 75 9.22 10.10 -9.00
C SER B 75 9.44 10.30 -10.51
N SER B 76 9.50 11.54 -10.97
CA SER B 76 9.73 11.86 -12.39
C SER B 76 11.24 11.83 -12.67
N SER B 77 11.65 12.26 -13.87
CA SER B 77 13.09 12.28 -14.21
C SER B 77 13.77 13.49 -13.45
N ARG B 78 13.00 14.49 -13.00
CA ARG B 78 13.59 15.67 -12.39
C ARG B 78 13.04 15.97 -11.01
N GLU B 79 11.99 15.27 -10.60
CA GLU B 79 11.28 15.65 -9.33
C GLU B 79 10.98 14.43 -8.50
N ASP B 80 11.28 14.51 -7.19
CA ASP B 80 10.83 13.47 -6.28
C ASP B 80 9.32 13.35 -6.19
N VAL B 81 8.60 14.47 -6.29
CA VAL B 81 7.15 14.47 -6.27
C VAL B 81 6.66 14.69 -7.68
N THR B 82 5.96 13.69 -8.23
CA THR B 82 5.54 13.74 -9.65
C THR B 82 4.25 14.56 -9.80
N ASP B 83 4.01 15.03 -11.05
CA ASP B 83 2.62 15.47 -11.45
C ASP B 83 1.92 14.39 -12.29
N SER B 84 0.69 14.65 -12.69
CA SER B 84 -0.08 13.70 -13.50
C SER B 84 0.49 13.42 -14.87
N ALA B 85 1.13 14.43 -15.47
CA ALA B 85 1.65 14.32 -16.84
C ALA B 85 2.85 13.41 -16.91
N SER B 86 3.84 13.65 -16.05
CA SER B 86 5.02 12.74 -16.09
C SER B 86 4.57 11.35 -15.60
N GLY B 87 3.69 11.31 -14.60
CA GLY B 87 3.35 10.04 -14.01
C GLY B 87 2.49 9.25 -15.03
N ALA B 88 1.60 9.91 -15.78
CA ALA B 88 0.86 9.15 -16.83
C ALA B 88 1.67 8.77 -18.08
N THR B 89 2.59 9.65 -18.48
CA THR B 89 3.51 9.34 -19.53
C THR B 89 4.45 8.15 -19.18
N ALA B 90 4.79 8.00 -17.89
CA ALA B 90 5.53 6.77 -17.41
C ALA B 90 4.75 5.51 -17.83
N PHE B 91 3.43 5.50 -17.59
CA PHE B 91 2.54 4.39 -17.96
C PHE B 91 2.34 4.30 -19.46
N SER B 92 2.12 5.41 -20.13
CA SER B 92 1.72 5.26 -21.54
C SER B 92 2.93 5.06 -22.45
N CYS B 93 4.15 5.48 -21.99
CA CYS B 93 5.31 5.47 -22.89
C CYS B 93 6.53 4.78 -22.31
N GLY B 94 6.48 4.51 -21.00
CA GLY B 94 7.48 3.62 -20.37
C GLY B 94 8.79 4.37 -20.13
N ILE B 95 8.73 5.69 -19.96
CA ILE B 95 9.97 6.42 -19.63
C ILE B 95 9.68 7.33 -18.43
N LYS B 96 10.75 7.69 -17.71
CA LYS B 96 10.74 8.79 -16.76
C LYS B 96 10.90 10.08 -17.53
N THR B 97 10.09 11.08 -17.19
CA THR B 97 10.26 12.34 -17.87
C THR B 97 9.92 13.45 -16.88
N TYR B 98 9.99 14.70 -17.35
CA TYR B 98 9.91 15.85 -16.49
C TYR B 98 8.43 16.13 -16.15
N ASN B 99 8.14 16.71 -14.99
CA ASN B 99 6.77 17.13 -14.67
C ASN B 99 6.24 18.11 -15.68
N ALA B 100 5.00 17.86 -16.05
CA ALA B 100 4.32 18.59 -17.16
C ALA B 100 4.52 17.98 -18.56
N ALA B 101 5.48 17.09 -18.78
CA ALA B 101 5.63 16.46 -20.15
C ALA B 101 4.44 15.61 -20.55
N ILE B 102 4.02 15.66 -21.80
CA ILE B 102 2.88 14.80 -22.23
C ILE B 102 3.42 13.92 -23.37
N GLY B 103 3.67 12.64 -23.11
CA GLY B 103 4.10 11.74 -24.21
C GLY B 103 5.43 12.14 -24.83
N VAL B 104 6.27 12.85 -24.04
CA VAL B 104 7.61 13.21 -24.53
C VAL B 104 8.65 12.93 -23.45
N ALA B 105 9.85 12.67 -23.95
CA ALA B 105 11.00 12.20 -23.18
C ALA B 105 11.60 13.40 -22.44
N ASP B 106 12.49 13.13 -21.50
CA ASP B 106 13.17 14.23 -20.80
C ASP B 106 13.79 15.36 -21.67
N ASP B 107 14.31 15.06 -22.87
CA ASP B 107 14.72 16.05 -23.88
C ASP B 107 13.55 16.61 -24.75
N SER B 108 12.30 16.34 -24.39
CA SER B 108 11.17 16.93 -25.13
C SER B 108 10.85 16.26 -26.49
N THR B 109 11.60 15.22 -26.84
CA THR B 109 11.23 14.48 -28.03
C THR B 109 10.06 13.48 -27.83
N ALA B 110 9.20 13.37 -28.85
CA ALA B 110 8.11 12.42 -28.75
C ALA B 110 8.61 10.96 -28.65
N VAL B 111 7.84 10.17 -27.92
CA VAL B 111 8.20 8.79 -27.69
C VAL B 111 6.94 8.00 -28.05
N LYS B 112 7.16 6.81 -28.63
CA LYS B 112 6.07 5.93 -29.02
C LYS B 112 5.28 5.39 -27.84
N SER B 113 3.96 5.50 -27.89
CA SER B 113 3.11 5.16 -26.75
C SER B 113 2.49 3.78 -26.90
N ILE B 114 1.96 3.27 -25.80
CA ILE B 114 1.23 2.02 -25.83
C ILE B 114 0.04 1.99 -26.83
N VAL B 115 -0.67 3.10 -26.95
CA VAL B 115 -1.76 3.27 -27.94
C VAL B 115 -1.25 3.21 -29.41
N GLU B 116 -0.08 3.80 -29.66
CA GLU B 116 0.58 3.73 -30.99
C GLU B 116 1.07 2.32 -31.32
N ILE B 117 1.59 1.60 -30.31
CA ILE B 117 1.94 0.15 -30.39
C ILE B 117 0.63 -0.70 -30.59
N ALA B 118 -0.42 -0.42 -29.81
CA ALA B 118 -1.69 -1.13 -29.97
C ALA B 118 -2.18 -1.06 -31.44
N ALA B 119 -2.22 0.16 -32.01
CA ALA B 119 -2.69 0.39 -33.38
C ALA B 119 -1.88 -0.39 -34.39
N LEU B 120 -0.55 -0.43 -34.21
CA LEU B 120 0.28 -1.23 -35.13
C LEU B 120 0.14 -2.75 -35.01
N ASN B 121 -0.53 -3.21 -33.94
CA ASN B 121 -0.73 -4.59 -33.71
C ASN B 121 -2.20 -4.93 -34.02
N SER B 122 -2.94 -4.03 -34.67
CA SER B 122 -4.33 -4.26 -35.05
C SER B 122 -5.20 -4.26 -33.78
N ILE B 123 -4.78 -3.51 -32.72
CA ILE B 123 -5.58 -3.43 -31.47
C ILE B 123 -6.47 -2.20 -31.46
N LYS B 124 -7.77 -2.37 -31.22
CA LYS B 124 -8.66 -1.21 -31.01
C LYS B 124 -8.39 -0.45 -29.66
N THR B 125 -8.38 0.88 -29.65
CA THR B 125 -8.03 1.63 -28.45
C THR B 125 -9.11 2.64 -27.99
N GLY B 126 -9.21 2.89 -26.67
CA GLY B 126 -10.18 3.82 -26.13
C GLY B 126 -9.66 4.52 -24.89
N VAL B 127 -10.14 5.74 -24.61
CA VAL B 127 -9.77 6.46 -23.42
C VAL B 127 -11.01 7.13 -22.80
N VAL B 128 -11.22 6.98 -21.50
CA VAL B 128 -12.35 7.59 -20.75
C VAL B 128 -11.80 8.39 -19.59
N ALA B 129 -12.37 9.53 -19.32
CA ALA B 129 -11.95 10.30 -18.16
C ALA B 129 -13.15 11.09 -17.65
N THR B 130 -13.13 11.44 -16.36
CA THR B 130 -14.14 12.35 -15.78
C THR B 130 -13.72 13.81 -15.78
N SER B 131 -12.47 14.07 -16.19
CA SER B 131 -11.99 15.41 -16.50
C SER B 131 -12.27 15.75 -17.97
N SER B 132 -11.85 16.93 -18.41
CA SER B 132 -11.64 17.16 -19.86
C SER B 132 -10.82 16.04 -20.49
N ILE B 133 -11.15 15.59 -21.71
CA ILE B 133 -10.32 14.63 -22.39
C ILE B 133 -8.89 15.09 -22.72
N THR B 134 -8.62 16.37 -22.61
CA THR B 134 -7.33 17.01 -22.95
C THR B 134 -6.46 17.14 -21.68
N HIS B 135 -7.04 16.73 -20.52
CA HIS B 135 -6.37 16.85 -19.21
C HIS B 135 -5.23 15.84 -19.12
N ALA B 136 -4.26 16.02 -18.19
CA ALA B 136 -2.92 15.40 -18.45
C ALA B 136 -2.91 13.87 -18.59
N THR B 137 -3.74 13.18 -17.79
CA THR B 137 -3.75 11.69 -17.77
C THR B 137 -4.25 11.12 -19.10
N PRO B 138 -5.51 11.47 -19.52
CA PRO B 138 -5.97 11.00 -20.86
C PRO B 138 -5.01 11.49 -22.01
N ALA B 139 -4.51 12.75 -21.91
CA ALA B 139 -3.67 13.30 -22.95
C ALA B 139 -2.42 12.44 -23.15
N SER B 140 -1.86 11.87 -22.07
CA SER B 140 -0.58 11.19 -22.22
C SER B 140 -0.68 9.93 -23.05
N PHE B 141 -1.91 9.45 -23.25
CA PHE B 141 -2.13 8.26 -24.04
C PHE B 141 -2.46 8.44 -25.53
N TYR B 142 -2.68 9.65 -26.00
CA TYR B 142 -2.90 9.89 -27.46
C TYR B 142 -2.16 11.11 -28.03
N ALA B 143 -1.51 11.94 -27.17
CA ALA B 143 -0.88 13.20 -27.59
C ALA B 143 0.65 13.23 -27.27
N HIS B 144 1.35 14.23 -27.82
CA HIS B 144 2.78 14.44 -27.55
C HIS B 144 2.91 15.93 -27.51
N ALA B 145 3.17 16.50 -26.33
CA ALA B 145 3.17 17.95 -26.22
C ALA B 145 4.22 18.28 -25.14
N LEU B 146 4.88 19.45 -25.27
CA LEU B 146 6.00 19.81 -24.37
C LEU B 146 5.47 20.10 -22.98
N ASN B 147 4.21 20.51 -22.90
CA ASN B 147 3.62 20.94 -21.64
C ASN B 147 2.14 20.63 -21.60
N ARG B 148 1.72 20.01 -20.52
CA ARG B 148 0.34 19.76 -20.23
C ARG B 148 -0.61 21.03 -20.38
N GLY B 149 -0.08 22.27 -20.26
CA GLY B 149 -0.91 23.47 -20.41
C GLY B 149 -1.37 23.68 -21.86
N LEU B 150 -0.76 22.95 -22.82
CA LEU B 150 -1.03 23.14 -24.24
C LEU B 150 -2.26 22.30 -24.67
N GLU B 151 -3.40 22.55 -24.01
CA GLU B 151 -4.60 21.71 -24.22
C GLU B 151 -5.21 21.84 -25.62
N GLU B 152 -5.07 23.01 -26.23
CA GLU B 152 -5.54 23.17 -27.64
C GLU B 152 -4.65 22.36 -28.60
N GLU B 153 -3.35 22.29 -28.31
CA GLU B 153 -2.47 21.39 -29.17
C GLU B 153 -2.80 19.93 -28.93
N ILE B 154 -3.09 19.60 -27.66
CA ILE B 154 -3.49 18.25 -27.30
C ILE B 154 -4.79 17.82 -28.02
N ALA B 155 -5.85 18.64 -27.95
CA ALA B 155 -7.03 18.34 -28.78
C ALA B 155 -6.72 18.11 -30.28
N MET B 156 -5.92 19.00 -30.90
CA MET B 156 -5.40 18.79 -32.25
C MET B 156 -4.69 17.47 -32.45
N ASP B 157 -3.81 17.06 -31.52
CA ASP B 157 -3.14 15.72 -31.57
C ASP B 157 -4.10 14.54 -31.64
N MET B 158 -5.27 14.68 -30.99
CA MET B 158 -6.31 13.66 -31.13
C MET B 158 -6.56 13.35 -32.61
N THR B 159 -6.48 14.36 -33.47
CA THR B 159 -6.82 14.16 -34.90
C THR B 159 -5.76 13.38 -35.65
N GLU B 160 -4.55 13.26 -35.09
CA GLU B 160 -3.47 12.50 -35.71
C GLU B 160 -3.23 11.14 -34.97
N SER B 161 -4.04 10.82 -33.97
CA SER B 161 -3.87 9.56 -33.21
C SER B 161 -4.71 8.46 -33.84
N ASP B 162 -4.38 7.22 -33.53
CA ASP B 162 -5.21 6.10 -33.94
C ASP B 162 -6.28 5.61 -32.96
N LEU B 163 -6.57 6.37 -31.87
CA LEU B 163 -7.67 6.17 -30.98
C LEU B 163 -8.95 5.87 -31.74
N ASP B 164 -9.67 4.85 -31.29
CA ASP B 164 -10.96 4.45 -31.86
C ASP B 164 -12.17 4.90 -31.05
N PHE B 165 -11.94 5.22 -29.79
CA PHE B 165 -13.06 5.52 -28.92
C PHE B 165 -12.59 6.52 -27.85
N PHE B 166 -13.40 7.52 -27.51
CA PHE B 166 -13.12 8.30 -26.30
C PHE B 166 -14.39 8.83 -25.69
N ALA B 167 -14.37 9.07 -24.39
CA ALA B 167 -15.44 9.80 -23.69
C ALA B 167 -14.91 10.65 -22.54
N GLY B 168 -15.34 11.89 -22.41
CA GLY B 168 -15.02 12.74 -21.28
C GLY B 168 -15.52 14.11 -21.52
N GLY B 169 -15.00 15.10 -20.78
CA GLY B 169 -15.35 16.50 -21.01
C GLY B 169 -14.46 17.15 -22.05
N GLY B 170 -14.44 18.48 -22.06
CA GLY B 170 -13.45 19.27 -22.78
C GLY B 170 -13.92 19.73 -24.16
N LEU B 171 -15.24 19.82 -24.34
CA LEU B 171 -15.77 20.45 -25.59
C LEU B 171 -15.13 21.83 -25.98
N ASN B 172 -14.86 22.70 -24.99
CA ASN B 172 -14.21 23.97 -25.22
C ASN B 172 -12.91 23.85 -26.01
N TYR B 173 -12.13 22.79 -25.82
CA TYR B 173 -10.81 22.65 -26.53
C TYR B 173 -10.93 22.25 -27.95
N PHE B 174 -12.13 21.91 -28.36
CA PHE B 174 -12.38 21.47 -29.75
C PHE B 174 -13.19 22.52 -30.58
N THR B 175 -14.01 23.32 -29.89
CA THR B 175 -14.91 24.30 -30.52
C THR B 175 -14.88 25.76 -30.01
N SER B 176 -14.15 26.03 -28.94
CA SER B 176 -14.13 27.41 -28.41
C SER B 176 -12.68 27.80 -28.17
N ARG B 177 -11.85 27.54 -29.18
CA ARG B 177 -10.39 27.70 -29.19
C ARG B 177 -9.86 29.13 -29.47
N SER B 178 -8.77 29.53 -28.78
CA SER B 178 -8.10 30.81 -29.03
C SER B 178 -7.68 30.94 -30.47
N ASP B 179 -7.45 29.83 -31.16
CA ASP B 179 -7.14 29.93 -32.57
C ASP B 179 -8.37 29.74 -33.50
N SER B 180 -9.57 29.89 -32.92
CA SER B 180 -10.85 29.74 -33.66
C SER B 180 -10.82 28.62 -34.72
N LYS B 181 -10.01 27.59 -34.59
CA LYS B 181 -10.14 26.43 -35.51
C LYS B 181 -11.28 25.50 -35.05
N ASP B 182 -11.83 24.75 -36.01
CA ASP B 182 -12.88 23.79 -35.67
C ASP B 182 -12.31 22.40 -35.71
N VAL B 183 -11.94 21.89 -34.53
CA VAL B 183 -11.24 20.60 -34.45
C VAL B 183 -12.17 19.47 -34.61
N LEU B 184 -13.38 19.66 -34.11
CA LEU B 184 -14.41 18.67 -34.30
C LEU B 184 -14.58 18.26 -35.75
N ALA B 185 -14.49 19.24 -36.65
CA ALA B 185 -14.65 19.00 -38.09
C ALA B 185 -13.51 18.12 -38.59
N ILE B 186 -12.29 18.36 -38.08
CA ILE B 186 -11.15 17.51 -38.42
C ILE B 186 -11.31 16.07 -37.89
N LEU B 187 -11.85 15.93 -36.67
CA LEU B 187 -12.08 14.59 -36.10
C LEU B 187 -13.08 13.86 -36.94
N LYS B 188 -14.19 14.50 -37.32
CA LYS B 188 -15.17 13.79 -38.15
C LYS B 188 -14.57 13.41 -39.51
N GLY B 189 -13.65 14.25 -39.99
CA GLY B 189 -12.89 14.00 -41.23
C GLY B 189 -12.03 12.76 -41.18
N ASN B 190 -11.60 12.41 -39.94
CA ASN B 190 -10.93 11.13 -39.64
C ASN B 190 -11.78 9.91 -39.25
N GLN B 191 -13.07 9.92 -39.57
CA GLN B 191 -13.93 8.78 -39.30
C GLN B 191 -14.52 8.73 -37.89
N PHE B 192 -14.30 9.78 -37.08
CA PHE B 192 -15.06 9.92 -35.83
C PHE B 192 -16.54 10.29 -36.02
N THR B 193 -17.43 9.56 -35.37
CA THR B 193 -18.72 10.13 -34.99
C THR B 193 -18.60 10.78 -33.65
N ILE B 194 -19.18 11.95 -33.47
CA ILE B 194 -19.08 12.68 -32.23
C ILE B 194 -20.48 12.90 -31.64
N ASN B 195 -20.64 12.72 -30.33
CA ASN B 195 -21.88 13.04 -29.62
C ASN B 195 -21.53 14.01 -28.47
N THR B 196 -22.24 15.12 -28.35
CA THR B 196 -22.01 16.13 -27.32
C THR B 196 -23.25 16.21 -26.45
N THR B 197 -24.14 15.22 -26.57
CA THR B 197 -25.47 15.27 -25.95
C THR B 197 -25.53 14.44 -24.67
N GLY B 198 -25.32 13.13 -24.79
CA GLY B 198 -25.35 12.15 -23.65
C GLY B 198 -24.65 10.87 -24.11
N LEU B 199 -24.26 10.01 -23.17
CA LEU B 199 -23.81 8.68 -23.55
C LEU B 199 -25.00 7.89 -24.10
N THR B 200 -24.78 7.08 -25.12
CA THR B 200 -25.85 6.27 -25.66
C THR B 200 -25.59 4.81 -25.27
N ASP B 201 -26.52 3.90 -25.62
CA ASP B 201 -26.36 2.46 -25.46
C ASP B 201 -25.43 2.01 -26.56
N PHE B 202 -25.04 0.75 -26.60
CA PHE B 202 -24.19 0.23 -27.68
C PHE B 202 -24.80 0.16 -29.11
N SER B 203 -25.98 -0.44 -29.23
CA SER B 203 -26.69 -0.50 -30.54
C SER B 203 -26.81 0.92 -31.20
N SER B 204 -26.87 1.99 -30.39
CA SER B 204 -26.83 3.37 -30.94
C SER B 204 -25.58 3.68 -31.77
N ILE B 205 -24.43 3.08 -31.43
CA ILE B 205 -23.15 3.52 -31.99
C ILE B 205 -22.41 2.40 -32.72
N ALA B 206 -23.05 1.26 -32.82
CA ALA B 206 -22.39 0.00 -33.21
C ALA B 206 -21.82 -0.04 -34.61
N SER B 207 -22.43 0.73 -35.53
CA SER B 207 -22.02 0.81 -36.96
C SER B 207 -20.96 1.86 -37.20
N ASN B 208 -20.71 2.74 -36.23
CA ASN B 208 -19.72 3.83 -36.37
C ASN B 208 -18.35 3.22 -36.35
N ARG B 209 -17.41 3.76 -37.12
CA ARG B 209 -16.08 3.26 -37.17
C ARG B 209 -15.28 3.81 -35.92
N LYS B 210 -15.54 5.03 -35.46
CA LYS B 210 -14.87 5.48 -34.24
C LYS B 210 -15.89 6.27 -33.55
N MET B 211 -15.78 6.41 -32.23
CA MET B 211 -16.81 7.17 -31.51
C MET B 211 -16.24 8.07 -30.50
N GLY B 212 -16.56 9.37 -30.52
CA GLY B 212 -16.18 10.23 -29.44
C GLY B 212 -17.37 10.83 -28.71
N PHE B 213 -17.32 10.85 -27.37
CA PHE B 213 -18.31 11.61 -26.52
C PHE B 213 -17.64 12.78 -25.86
N LEU B 214 -18.07 13.99 -26.21
CA LEU B 214 -17.68 15.20 -25.43
C LEU B 214 -18.86 15.78 -24.66
N LEU B 215 -18.96 15.46 -23.37
CA LEU B 215 -20.17 15.66 -22.64
C LEU B 215 -20.17 16.80 -21.64
N ALA B 216 -19.16 17.64 -21.72
CA ALA B 216 -19.12 18.80 -20.90
C ALA B 216 -18.16 19.72 -21.60
N ASP B 217 -18.25 21.00 -21.28
CA ASP B 217 -17.36 22.01 -21.83
C ASP B 217 -15.93 21.88 -21.31
N GLU B 218 -15.80 21.59 -20.01
CA GLU B 218 -14.48 21.38 -19.33
C GLU B 218 -14.60 20.04 -18.64
N ALA B 219 -14.62 19.98 -17.29
CA ALA B 219 -14.66 18.70 -16.59
C ALA B 219 -16.12 18.23 -16.61
N MET B 220 -16.34 16.89 -16.63
CA MET B 220 -17.66 16.35 -16.24
C MET B 220 -18.09 16.86 -14.86
N PRO B 221 -19.42 16.81 -14.58
CA PRO B 221 -19.85 17.16 -13.22
C PRO B 221 -19.18 16.24 -12.13
N THR B 222 -19.00 16.74 -10.90
CA THR B 222 -18.61 15.86 -9.76
C THR B 222 -19.75 14.82 -9.49
N MET B 223 -19.44 13.76 -8.76
CA MET B 223 -20.44 12.87 -8.20
C MET B 223 -21.50 13.66 -7.36
N GLU B 224 -21.06 14.58 -6.49
CA GLU B 224 -22.00 15.36 -5.63
C GLU B 224 -22.94 16.25 -6.48
N LYS B 225 -22.52 16.61 -7.70
CA LYS B 225 -23.40 17.42 -8.61
C LYS B 225 -24.10 16.59 -9.66
N GLY B 226 -24.20 15.29 -9.49
CA GLY B 226 -25.14 14.55 -10.25
C GLY B 226 -24.53 13.83 -11.45
N ARG B 227 -23.19 13.72 -11.50
CA ARG B 227 -22.63 12.89 -12.60
C ARG B 227 -23.18 11.48 -12.74
N GLY B 228 -23.43 10.80 -11.60
CA GLY B 228 -23.97 9.44 -11.64
C GLY B 228 -22.98 8.48 -12.30
N ASN B 229 -23.49 7.49 -13.01
CA ASN B 229 -22.69 6.36 -13.35
C ASN B 229 -21.92 6.43 -14.65
N PHE B 230 -21.58 7.66 -15.01
CA PHE B 230 -20.86 7.93 -16.27
C PHE B 230 -19.64 7.04 -16.48
N LEU B 231 -18.77 7.00 -15.46
CA LEU B 231 -17.49 6.30 -15.66
C LEU B 231 -17.65 4.80 -15.95
N SER B 232 -18.45 4.09 -15.16
CA SER B 232 -18.74 2.64 -15.43
C SER B 232 -19.44 2.46 -16.78
N ALA B 233 -20.44 3.31 -17.03
CA ALA B 233 -21.27 3.20 -18.30
C ALA B 233 -20.36 3.40 -19.51
N ALA B 234 -19.50 4.46 -19.44
CA ALA B 234 -18.57 4.77 -20.54
C ALA B 234 -17.56 3.65 -20.77
N THR B 235 -17.07 3.08 -19.67
CA THR B 235 -16.09 1.96 -19.73
C THR B 235 -16.71 0.70 -20.33
N ASP B 236 -17.96 0.42 -19.92
CA ASP B 236 -18.74 -0.68 -20.47
C ASP B 236 -18.98 -0.47 -21.96
N LEU B 237 -19.35 0.75 -22.33
CA LEU B 237 -19.60 1.09 -23.73
C LEU B 237 -18.35 0.93 -24.60
N ALA B 238 -17.20 1.47 -24.13
CA ALA B 238 -15.90 1.23 -24.82
C ALA B 238 -15.58 -0.23 -25.05
N ILE B 239 -15.79 -1.03 -24.01
CA ILE B 239 -15.54 -2.44 -24.08
C ILE B 239 -16.38 -3.11 -25.24
N GLN B 240 -17.69 -2.88 -25.25
CA GLN B 240 -18.56 -3.38 -26.36
C GLN B 240 -18.12 -2.87 -27.74
N PHE B 241 -17.85 -1.56 -27.81
CA PHE B 241 -17.47 -0.92 -29.07
C PHE B 241 -16.15 -1.43 -29.58
N LEU B 242 -15.12 -1.43 -28.70
CA LEU B 242 -13.79 -1.85 -29.12
C LEU B 242 -13.66 -3.34 -29.41
N SER B 243 -14.59 -4.16 -28.88
CA SER B 243 -14.54 -5.64 -29.17
C SER B 243 -15.42 -6.15 -30.33
N LYS B 244 -16.12 -5.26 -31.03
CA LYS B 244 -16.77 -5.59 -32.33
C LYS B 244 -15.87 -6.46 -33.16
N ASP B 245 -16.48 -7.41 -33.88
CA ASP B 245 -15.80 -8.20 -34.90
C ASP B 245 -14.58 -8.96 -34.34
N ASN B 246 -14.73 -9.34 -33.06
CA ASN B 246 -13.78 -10.22 -32.37
C ASN B 246 -12.39 -9.55 -32.20
N SER B 247 -12.40 -8.23 -32.05
CA SER B 247 -11.16 -7.43 -32.11
C SER B 247 -10.54 -7.42 -30.71
N ALA B 248 -9.22 -7.57 -30.61
CA ALA B 248 -8.57 -7.28 -29.34
C ALA B 248 -8.64 -5.76 -28.98
N PHE B 249 -8.63 -5.39 -27.68
CA PHE B 249 -8.65 -3.97 -27.39
C PHE B 249 -7.73 -3.57 -26.22
N PHE B 250 -7.50 -2.27 -26.06
CA PHE B 250 -6.80 -1.68 -24.93
C PHE B 250 -7.60 -0.45 -24.49
N ILE B 251 -7.94 -0.31 -23.21
CA ILE B 251 -8.68 0.85 -22.70
C ILE B 251 -7.95 1.41 -21.49
N MET B 252 -7.85 2.72 -21.44
CA MET B 252 -7.44 3.44 -20.21
C MET B 252 -8.68 4.20 -19.80
N SER B 253 -9.21 3.91 -18.61
CA SER B 253 -10.25 4.79 -18.02
C SER B 253 -9.75 5.42 -16.72
N GLU B 254 -10.04 6.70 -16.55
CA GLU B 254 -9.49 7.46 -15.46
C GLU B 254 -10.58 7.97 -14.54
N GLY B 255 -10.42 7.71 -13.24
CA GLY B 255 -11.17 8.40 -12.15
C GLY B 255 -10.44 9.70 -11.83
N SER B 256 -10.68 10.74 -12.64
CA SER B 256 -9.90 11.94 -12.71
C SER B 256 -10.00 12.86 -11.51
N GLN B 257 -11.17 12.89 -10.88
CA GLN B 257 -11.42 13.94 -9.86
C GLN B 257 -11.15 13.53 -8.40
N ILE B 258 -10.70 12.29 -8.21
CA ILE B 258 -10.23 11.84 -6.90
C ILE B 258 -9.14 12.88 -6.48
N ASP B 259 -8.21 13.15 -7.39
CA ASP B 259 -7.15 14.16 -7.21
C ASP B 259 -7.64 15.54 -6.80
N TRP B 260 -8.71 15.98 -7.42
CA TRP B 260 -9.18 17.32 -7.14
C TRP B 260 -9.79 17.43 -5.74
N GLY B 261 -10.46 16.36 -5.30
CA GLY B 261 -10.95 16.24 -3.89
C GLY B 261 -9.78 16.36 -2.91
N GLY B 262 -8.69 15.64 -3.25
CA GLY B 262 -7.39 15.71 -2.52
C GLY B 262 -6.82 17.11 -2.43
N HIS B 263 -6.71 17.80 -3.59
CA HIS B 263 -6.18 19.17 -3.67
C HIS B 263 -7.01 20.14 -2.84
N ALA B 264 -8.31 19.97 -2.88
CA ALA B 264 -9.19 20.83 -2.12
C ALA B 264 -9.26 20.50 -0.63
N ASN B 265 -8.61 19.42 -0.19
CA ASN B 265 -8.75 18.91 1.19
C ASN B 265 -10.26 18.77 1.53
N ASN B 266 -10.99 18.16 0.59
CA ASN B 266 -12.44 18.02 0.70
C ASN B 266 -12.78 16.52 0.76
N ALA B 267 -13.00 15.97 1.97
CA ALA B 267 -13.22 14.54 2.16
C ALA B 267 -14.39 13.94 1.40
N SER B 268 -15.59 14.56 1.51
CA SER B 268 -16.74 13.93 0.88
C SER B 268 -16.57 13.90 -0.65
N TYR B 269 -15.87 14.88 -1.20
CA TYR B 269 -15.61 14.95 -2.67
C TYR B 269 -14.70 13.78 -3.07
N LEU B 270 -13.55 13.72 -2.39
CA LEU B 270 -12.56 12.66 -2.64
C LEU B 270 -13.24 11.29 -2.57
N ILE B 271 -13.94 11.09 -1.45
CA ILE B 271 -14.56 9.82 -1.14
C ILE B 271 -15.69 9.44 -2.11
N SER B 272 -16.59 10.36 -2.44
CA SER B 272 -17.59 10.03 -3.50
C SER B 272 -16.89 9.71 -4.84
N GLU B 273 -15.85 10.44 -5.20
CA GLU B 273 -15.16 10.13 -6.47
C GLU B 273 -14.47 8.77 -6.51
N ILE B 274 -13.81 8.36 -5.41
CA ILE B 274 -13.18 7.04 -5.42
C ILE B 274 -14.19 5.89 -5.27
N ASN B 275 -15.35 6.14 -4.64
CA ASN B 275 -16.40 5.15 -4.59
C ASN B 275 -16.89 4.87 -6.01
N ASP B 276 -17.01 5.94 -6.79
CA ASP B 276 -17.41 5.82 -8.19
C ASP B 276 -16.34 5.07 -9.01
N PHE B 277 -15.07 5.34 -8.76
CA PHE B 277 -13.99 4.62 -9.43
C PHE B 277 -14.04 3.11 -9.12
N ASP B 278 -14.31 2.79 -7.85
CA ASP B 278 -14.47 1.40 -7.42
C ASP B 278 -15.61 0.68 -8.17
N ASP B 279 -16.73 1.37 -8.34
CA ASP B 279 -17.78 0.88 -9.28
C ASP B 279 -17.22 0.54 -10.68
N ALA B 280 -16.38 1.44 -11.25
CA ALA B 280 -15.75 1.19 -12.53
C ALA B 280 -14.88 -0.03 -12.53
N ILE B 281 -14.14 -0.24 -11.44
CA ILE B 281 -13.34 -1.44 -11.25
C ILE B 281 -14.27 -2.70 -11.38
N GLY B 282 -15.40 -2.68 -10.66
CA GLY B 282 -16.36 -3.85 -10.69
C GLY B 282 -16.88 -4.13 -12.11
N THR B 283 -17.07 -3.06 -12.90
CA THR B 283 -17.49 -3.19 -14.32
C THR B 283 -16.40 -3.90 -15.16
N ALA B 284 -15.14 -3.49 -14.95
CA ALA B 284 -14.03 -4.02 -15.70
C ALA B 284 -13.80 -5.47 -15.39
N LEU B 285 -13.90 -5.78 -14.08
CA LEU B 285 -13.64 -7.11 -13.50
C LEU B 285 -14.80 -8.05 -13.87
N ALA B 286 -16.02 -7.54 -13.87
CA ALA B 286 -17.21 -8.38 -14.32
C ALA B 286 -16.98 -8.86 -15.78
N PHE B 287 -16.61 -7.93 -16.67
CA PHE B 287 -16.20 -8.28 -18.04
C PHE B 287 -15.05 -9.28 -18.09
N ALA B 288 -13.93 -8.96 -17.39
CA ALA B 288 -12.76 -9.84 -17.43
C ALA B 288 -13.08 -11.23 -16.97
N LYS B 289 -13.90 -11.35 -15.92
CA LYS B 289 -14.25 -12.72 -15.43
C LYS B 289 -15.10 -13.56 -16.42
N SER B 290 -16.07 -12.92 -17.02
CA SER B 290 -16.92 -13.50 -18.07
C SER B 290 -16.09 -13.82 -19.35
N ASP B 291 -15.32 -12.82 -19.82
CA ASP B 291 -14.34 -12.96 -20.91
C ASP B 291 -13.23 -13.99 -20.77
N GLY B 292 -12.45 -13.90 -19.69
CA GLY B 292 -11.35 -14.86 -19.45
C GLY B 292 -10.07 -14.64 -20.27
N ASN B 293 -10.07 -13.62 -21.09
CA ASN B 293 -8.94 -13.28 -21.91
C ASN B 293 -8.47 -11.82 -21.74
N THR B 294 -8.85 -11.19 -20.62
CA THR B 294 -8.62 -9.76 -20.38
C THR B 294 -7.84 -9.49 -19.09
N LEU B 295 -6.80 -8.70 -19.22
CA LEU B 295 -5.99 -8.30 -18.00
C LEU B 295 -6.51 -6.96 -17.57
N VAL B 296 -6.83 -6.82 -16.30
CA VAL B 296 -7.30 -5.59 -15.75
C VAL B 296 -6.21 -5.09 -14.78
N ILE B 297 -5.73 -3.85 -14.95
CA ILE B 297 -4.70 -3.27 -14.07
C ILE B 297 -5.32 -2.04 -13.43
N VAL B 298 -5.21 -1.91 -12.12
CA VAL B 298 -5.74 -0.70 -11.39
C VAL B 298 -4.54 -0.04 -10.69
N THR B 299 -4.27 1.22 -10.98
CA THR B 299 -3.23 1.89 -10.21
C THR B 299 -3.55 3.35 -10.10
N SER B 300 -2.61 4.10 -9.54
CA SER B 300 -2.71 5.58 -9.57
C SER B 300 -1.40 6.18 -9.99
N ASP B 301 -1.40 7.46 -10.30
CA ASP B 301 -0.21 8.10 -10.77
C ASP B 301 0.65 8.62 -9.58
N HIS B 302 0.00 8.95 -8.48
CA HIS B 302 0.62 9.54 -7.25
C HIS B 302 -0.55 9.68 -6.25
N GLU B 303 -0.18 10.01 -5.01
CA GLU B 303 -1.10 10.30 -3.94
C GLU B 303 -1.29 11.79 -3.84
N THR B 304 -2.45 12.24 -3.35
CA THR B 304 -2.57 13.69 -3.15
C THR B 304 -3.25 14.11 -1.85
N GLY B 305 -2.66 15.10 -1.18
CA GLY B 305 -3.37 15.69 -0.01
C GLY B 305 -2.94 15.14 1.36
N GLY B 306 -2.10 14.09 1.39
CA GLY B 306 -1.80 13.40 2.63
C GLY B 306 -3.08 12.97 3.38
N PHE B 307 -4.10 12.55 2.60
CA PHE B 307 -5.36 12.02 3.14
C PHE B 307 -5.15 10.87 4.14
N THR B 308 -5.77 10.95 5.34
CA THR B 308 -5.53 10.04 6.44
C THR B 308 -6.84 9.70 7.12
N LEU B 309 -7.05 8.41 7.41
CA LEU B 309 -8.33 7.98 8.04
C LEU B 309 -8.10 8.08 9.57
N ALA B 310 -7.84 9.30 10.03
CA ALA B 310 -7.61 9.64 11.51
C ALA B 310 -8.81 9.32 12.39
N ALA B 311 -8.60 9.31 13.71
CA ALA B 311 -9.68 8.98 14.62
C ALA B 311 -10.50 10.27 14.63
N LYS B 312 -11.81 10.17 14.70
CA LYS B 312 -12.65 11.34 14.85
C LYS B 312 -12.34 12.17 16.09
N SER B 313 -12.44 13.50 15.98
CA SER B 313 -12.23 14.39 17.13
C SER B 313 -13.56 14.62 17.83
N ASN B 314 -13.56 14.42 19.15
CA ASN B 314 -14.67 14.81 20.01
C ASN B 314 -14.30 15.95 20.90
N LYS B 315 -15.31 16.76 21.20
CA LYS B 315 -15.08 18.03 21.89
C LYS B 315 -15.65 17.99 23.32
N SER B 320 -10.06 21.00 24.72
CA SER B 320 -11.44 20.63 24.40
C SER B 320 -11.56 19.41 23.42
N GLU B 321 -10.44 19.01 22.80
CA GLU B 321 -10.47 17.97 21.76
C GLU B 321 -9.69 16.70 22.08
N TYR B 322 -10.42 15.57 22.12
CA TYR B 322 -9.82 14.24 22.25
C TYR B 322 -10.20 13.32 21.04
N SER B 323 -9.33 12.34 20.78
CA SER B 323 -9.50 11.42 19.64
C SER B 323 -10.43 10.32 20.07
N ASP B 324 -11.41 9.96 19.27
CA ASP B 324 -12.28 8.87 19.60
C ASP B 324 -12.04 7.79 18.53
N TYR B 325 -11.37 6.69 18.91
CA TYR B 325 -10.95 5.67 17.94
C TYR B 325 -12.10 4.82 17.42
N THR B 326 -13.28 5.01 17.97
CA THR B 326 -14.40 4.19 17.50
C THR B 326 -14.74 4.47 16.03
N GLU B 327 -14.58 5.72 15.61
CA GLU B 327 -14.99 6.24 14.31
C GLU B 327 -13.82 7.02 13.64
N ILE B 328 -13.97 7.31 12.35
CA ILE B 328 -12.94 8.01 11.55
C ILE B 328 -13.33 9.43 11.23
N GLY B 329 -12.39 10.37 11.38
CA GLY B 329 -12.59 11.71 10.80
C GLY B 329 -11.43 12.04 9.89
N PRO B 330 -11.62 11.96 8.55
CA PRO B 330 -10.51 12.14 7.57
C PRO B 330 -9.77 13.49 7.70
N THR B 331 -8.45 13.49 7.60
CA THR B 331 -7.67 14.71 7.70
C THR B 331 -6.71 14.72 6.51
N PHE B 332 -6.09 15.90 6.27
CA PHE B 332 -5.12 16.11 5.20
C PHE B 332 -3.96 16.85 5.76
N SER B 333 -2.83 16.77 5.11
CA SER B 333 -1.63 17.52 5.63
C SER B 333 -1.00 18.41 4.54
N THR B 334 -1.51 18.35 3.31
CA THR B 334 -0.97 19.18 2.25
C THR B 334 -2.02 19.48 1.19
N GLY B 335 -1.82 20.55 0.42
CA GLY B 335 -2.67 20.85 -0.72
C GLY B 335 -2.19 20.20 -2.03
N GLY B 336 -1.04 19.50 -1.98
CA GLY B 336 -0.32 19.06 -3.19
C GLY B 336 -0.11 17.55 -3.20
N HIS B 337 0.66 17.06 -4.19
CA HIS B 337 0.89 15.64 -4.33
C HIS B 337 1.90 15.17 -3.26
N SER B 338 1.96 13.84 -3.05
CA SER B 338 3.05 13.29 -2.30
C SER B 338 3.75 12.12 -3.00
N ALA B 339 4.97 11.84 -2.55
CA ALA B 339 5.85 10.80 -3.12
C ALA B 339 5.71 9.37 -2.54
N THR B 340 4.61 9.04 -1.88
CA THR B 340 4.49 7.62 -1.37
C THR B 340 4.46 6.62 -2.56
N LEU B 341 4.94 5.41 -2.31
CA LEU B 341 4.79 4.32 -3.26
C LEU B 341 3.25 4.07 -3.40
N ILE B 342 2.89 3.59 -4.55
CA ILE B 342 1.45 3.49 -4.93
C ILE B 342 1.13 2.04 -5.28
N PRO B 343 0.01 1.55 -4.76
CA PRO B 343 -0.42 0.15 -5.00
C PRO B 343 -0.86 -0.08 -6.46
N VAL B 344 -0.46 -1.22 -6.99
CA VAL B 344 -0.97 -1.64 -8.30
C VAL B 344 -1.75 -2.93 -8.13
N PHE B 345 -2.93 -3.06 -8.72
CA PHE B 345 -3.73 -4.27 -8.60
C PHE B 345 -3.82 -4.83 -10.00
N ALA B 346 -3.65 -6.12 -10.15
CA ALA B 346 -3.88 -6.83 -11.47
C ALA B 346 -4.65 -8.18 -11.39
N TYR B 347 -5.53 -8.42 -12.37
CA TYR B 347 -6.39 -9.58 -12.36
C TYR B 347 -6.41 -10.05 -13.80
N GLY B 348 -6.29 -11.33 -14.06
CA GLY B 348 -6.52 -11.82 -15.42
C GLY B 348 -5.20 -12.40 -15.94
N PRO B 349 -5.17 -12.88 -17.19
CA PRO B 349 -3.92 -13.50 -17.75
C PRO B 349 -2.70 -12.58 -17.74
N GLY B 350 -1.60 -13.04 -17.16
CA GLY B 350 -0.40 -12.18 -17.06
C GLY B 350 -0.29 -11.30 -15.82
N SER B 351 -1.33 -11.30 -14.97
CA SER B 351 -1.37 -10.36 -13.84
C SER B 351 -0.20 -10.57 -12.83
N GLU B 352 0.35 -11.79 -12.80
CA GLU B 352 1.46 -12.13 -11.89
C GLU B 352 2.67 -11.24 -12.23
N GLU B 353 2.77 -10.72 -13.46
CA GLU B 353 3.89 -9.83 -13.87
C GLU B 353 3.94 -8.52 -13.01
N PHE B 354 2.84 -8.17 -12.38
CA PHE B 354 2.72 -6.83 -11.79
C PHE B 354 2.96 -6.77 -10.28
N ILE B 355 3.35 -7.90 -9.71
CA ILE B 355 3.60 -8.00 -8.26
C ILE B 355 4.96 -7.42 -7.97
N GLY B 356 5.39 -7.47 -6.73
CA GLY B 356 6.66 -6.81 -6.34
C GLY B 356 6.71 -5.29 -6.42
N ILE B 357 7.93 -4.76 -6.36
CA ILE B 357 8.13 -3.29 -6.27
C ILE B 357 8.97 -2.85 -7.43
N TYR B 358 8.48 -1.82 -8.11
CA TYR B 358 9.17 -1.34 -9.32
C TYR B 358 8.87 0.13 -9.62
N GLU B 359 9.67 0.68 -10.51
CA GLU B 359 9.45 2.05 -11.02
C GLU B 359 8.10 2.13 -11.77
N ASN B 360 7.36 3.26 -11.61
CA ASN B 360 6.08 3.51 -12.42
C ASN B 360 6.20 3.25 -13.92
N ASN B 361 7.31 3.63 -14.53
CA ASN B 361 7.47 3.44 -15.97
C ASN B 361 7.53 2.03 -16.42
N GLU B 362 7.77 1.08 -15.50
CA GLU B 362 7.77 -0.39 -15.82
C GLU B 362 6.35 -0.93 -16.07
N ILE B 363 5.32 -0.21 -15.63
CA ILE B 363 3.94 -0.57 -16.02
C ILE B 363 3.79 -0.75 -17.52
N PHE B 364 4.28 0.25 -18.28
CA PHE B 364 4.37 0.17 -19.73
C PHE B 364 5.08 -1.12 -20.21
N HIS B 365 6.30 -1.33 -19.72
CA HIS B 365 7.10 -2.46 -20.16
C HIS B 365 6.46 -3.83 -19.80
N LYS B 366 5.76 -3.87 -18.65
CA LYS B 366 5.14 -5.09 -18.22
C LYS B 366 3.89 -5.37 -19.13
N ILE B 367 3.13 -4.34 -19.48
CA ILE B 367 1.95 -4.44 -20.42
C ILE B 367 2.47 -5.02 -21.73
N LEU B 368 3.46 -4.34 -22.31
CA LEU B 368 4.14 -4.85 -23.54
C LEU B 368 4.61 -6.32 -23.43
N LYS B 369 5.30 -6.64 -22.33
CA LYS B 369 5.81 -7.98 -22.16
C LYS B 369 4.67 -9.07 -22.10
N VAL B 370 3.63 -8.82 -21.31
CA VAL B 370 2.61 -9.89 -21.18
C VAL B 370 1.74 -10.09 -22.45
N THR B 371 1.54 -9.02 -23.22
CA THR B 371 0.55 -8.97 -24.35
C THR B 371 1.28 -9.63 -25.56
N LYS B 372 2.62 -9.60 -25.49
CA LYS B 372 3.56 -9.98 -26.57
C LYS B 372 3.37 -9.17 -27.86
N TRP B 373 2.83 -7.96 -27.75
CA TRP B 373 2.72 -7.06 -28.93
C TRP B 373 4.11 -6.75 -29.50
N ASN B 374 4.18 -6.57 -30.83
CA ASN B 374 5.39 -6.08 -31.48
C ASN B 374 5.64 -4.61 -31.09
N GLN B 375 6.87 -4.29 -30.65
CA GLN B 375 7.15 -2.97 -30.11
C GLN B 375 7.35 -1.97 -31.22
ZN ZN C . 0.74 4.28 18.72
ZN ZN D . 0.92 0.16 17.23
MG MG E . 4.36 -1.81 19.50
MG MG F . -2.28 -12.52 32.96
MG MG G . 13.80 15.17 14.34
P PO4 H . 0.46 1.47 20.21
ZN ZN I . -3.05 16.87 -8.68
ZN ZN J . -2.37 13.11 -10.91
MG MG K . -5.75 12.94 -14.26
MG MG L . 1.71 17.41 -30.52
MG MG M . -17.27 17.94 1.32
AS CAC N . 1.07 23.10 1.09
O1 CAC N . -0.37 22.76 0.15
O2 CAC N . 1.91 21.60 1.44
C1 CAC N . 2.06 24.37 -0.03
C2 CAC N . 0.43 24.02 2.72
P PO4 O . -2.38 16.46 -11.72
#